data_4Y3O
#
_entry.id   4Y3O
#
_cell.length_a   88.500
_cell.length_b   202.930
_cell.length_c   85.680
_cell.angle_alpha   90.00
_cell.angle_beta   118.94
_cell.angle_gamma   90.00
#
_symmetry.space_group_name_H-M   'C 1 2 1'
#
loop_
_entity.id
_entity.type
_entity.pdbx_description
1 polymer 'Bifunctional lysine-specific demethylase and histidyl-hydroxylase NO66'
2 polymer 'Rpl8 peptide'
3 non-polymer 'NICKEL (II) ION'
4 non-polymer N-OXALYLGLYCINE
5 non-polymer GLYCEROL
6 non-polymer 'ACETATE ION'
7 water water
#
loop_
_entity_poly.entity_id
_entity_poly.type
_entity_poly.pdbx_seq_one_letter_code
_entity_poly.pdbx_strand_id
1 'polypeptide(L)'
;GGEPAWDSPLRRVLAELNRIPSSRRRAARLFEWLIAPMPPDHFYRRLWEREAVLVRRQDHTYYQGLFSTADLDSMLRNEE
VQFGQHLDAARYINGRRETLNPPGRALPAAAWSLYQAGCSLRLLCPQAFSTTVWQFLAVLQEQFGSMAGSNVYLTPPNSQ
GFAPHYDDIEAFVLQLEGRKLWRVYRPRVPTEELALTSSPNFSQDDLGEPVLQTVLEPGDLLYFPRGFIHQAECQDGVHS
LHLTLSTYQRNTWGDFLEAILPLAVQAAMEENVEFRRGLPRDFMDYMGAQHSDSKDPRRTAFMEKVRVLVARLGHFAPVD
AVADQRAKDFIHDSLPPVLTDRERALSVYGLPIRWEAGEPVNVGAQLTTETEVHMLQDGIARLVGEGGHLFLYYTVENSR
VYHLEEPKCLEIYPQQADAMELLLGSYPEFVRVGDLPCDSVEDQLSLATTLYDKGLLLTKMPLALN
;
A,B
2 'polypeptide(L)' GGGNHQHIGKP C,D
#
# COMPACT_ATOMS: atom_id res chain seq x y z
N TRP A 6 -0.31 52.80 -17.09
CA TRP A 6 -1.02 52.16 -15.93
C TRP A 6 -2.04 51.07 -16.29
N ASP A 7 -2.63 51.11 -17.45
CA ASP A 7 -3.54 50.03 -17.82
C ASP A 7 -2.76 49.08 -18.76
N SER A 8 -2.99 47.79 -18.59
CA SER A 8 -2.24 46.77 -19.32
C SER A 8 -3.21 45.67 -19.65
N PRO A 9 -2.78 44.75 -20.50
CA PRO A 9 -3.74 43.72 -20.78
C PRO A 9 -4.06 42.89 -19.53
N LEU A 10 -3.08 42.65 -18.68
CA LEU A 10 -3.35 41.91 -17.45
C LEU A 10 -4.34 42.64 -16.50
N ARG A 11 -4.09 43.92 -16.28
CA ARG A 11 -5.01 44.68 -15.41
C ARG A 11 -6.40 44.65 -15.98
N ARG A 12 -6.51 44.77 -17.29
CA ARG A 12 -7.86 44.78 -17.90
C ARG A 12 -8.55 43.42 -17.81
N VAL A 13 -7.80 42.33 -17.99
CA VAL A 13 -8.46 41.01 -17.92
C VAL A 13 -8.93 40.74 -16.48
N LEU A 14 -8.18 41.27 -15.53
CA LEU A 14 -8.58 41.13 -14.12
C LEU A 14 -9.84 41.89 -13.81
N ALA A 15 -9.93 43.12 -14.30
CA ALA A 15 -11.14 43.94 -14.09
C ALA A 15 -12.31 43.23 -14.79
N GLU A 16 -11.99 42.64 -15.94
CA GLU A 16 -12.98 41.84 -16.66
C GLU A 16 -13.42 40.63 -15.81
N LEU A 17 -12.47 39.89 -15.23
CA LEU A 17 -12.90 38.73 -14.43
C LEU A 17 -13.91 39.12 -13.36
N ASN A 18 -13.65 40.26 -12.71
CA ASN A 18 -14.47 40.81 -11.65
C ASN A 18 -15.94 41.06 -12.07
N ARG A 19 -16.19 41.14 -13.37
CA ARG A 19 -17.55 41.29 -13.87
C ARG A 19 -18.18 40.00 -14.36
N ILE A 20 -17.44 38.90 -14.35
CA ILE A 20 -17.92 37.59 -14.81
C ILE A 20 -18.43 36.89 -13.58
N PRO A 21 -19.76 36.68 -13.48
CA PRO A 21 -20.38 36.14 -12.27
C PRO A 21 -19.93 34.72 -11.89
N SER A 22 -19.79 33.82 -12.86
CA SER A 22 -19.36 32.43 -12.58
C SER A 22 -17.85 32.24 -12.43
N SER A 23 -17.40 31.71 -11.31
CA SER A 23 -16.01 31.31 -11.16
C SER A 23 -15.47 30.32 -12.20
N ARG A 24 -16.32 29.42 -12.69
CA ARG A 24 -15.92 28.45 -13.73
C ARG A 24 -15.61 29.19 -15.01
N ARG A 25 -16.50 30.12 -15.37
CA ARG A 25 -16.28 30.96 -16.53
C ARG A 25 -15.06 31.85 -16.31
N ARG A 26 -14.85 32.37 -15.12
CA ARG A 26 -13.66 33.25 -14.89
C ARG A 26 -12.39 32.47 -15.18
N ALA A 27 -12.34 31.24 -14.72
CA ALA A 27 -11.18 30.40 -14.92
C ALA A 27 -10.91 30.11 -16.42
N ALA A 28 -11.95 29.75 -17.17
CA ALA A 28 -11.80 29.49 -18.61
C ALA A 28 -11.29 30.75 -19.29
N ARG A 29 -11.89 31.89 -18.89
CA ARG A 29 -11.55 33.15 -19.56
C ARG A 29 -10.12 33.49 -19.27
N LEU A 30 -9.66 33.33 -18.03
CA LEU A 30 -8.27 33.63 -17.74
C LEU A 30 -7.30 32.79 -18.50
N PHE A 31 -7.60 31.51 -18.68
CA PHE A 31 -6.68 30.63 -19.38
C PHE A 31 -6.63 31.01 -20.85
N GLU A 32 -7.76 31.36 -21.42
CA GLU A 32 -7.79 31.90 -22.78
C GLU A 32 -6.86 33.10 -22.93
N TRP A 33 -6.97 34.04 -21.98
CA TRP A 33 -6.12 35.20 -22.00
C TRP A 33 -4.64 34.80 -21.96
N LEU A 34 -4.34 33.88 -21.06
CA LEU A 34 -2.96 33.46 -20.84
C LEU A 34 -2.31 32.96 -22.14
N ILE A 35 -3.04 32.23 -22.97
CA ILE A 35 -2.40 31.69 -24.17
C ILE A 35 -2.79 32.44 -25.46
N ALA A 36 -3.53 33.54 -25.33
CA ALA A 36 -4.05 34.25 -26.53
C ALA A 36 -2.93 34.56 -27.53
N PRO A 37 -3.18 34.38 -28.82
CA PRO A 37 -4.52 34.16 -29.43
C PRO A 37 -4.81 32.70 -29.70
N MET A 38 -3.95 31.81 -29.26
CA MET A 38 -4.28 30.40 -29.39
C MET A 38 -5.55 29.94 -28.63
N PRO A 39 -6.44 29.19 -29.31
CA PRO A 39 -7.66 28.72 -28.66
C PRO A 39 -7.37 27.62 -27.65
N PRO A 40 -7.97 27.73 -26.47
CA PRO A 40 -7.74 26.74 -25.46
C PRO A 40 -8.01 25.34 -25.94
N ASP A 41 -9.11 25.16 -26.64
CA ASP A 41 -9.52 23.87 -27.10
C ASP A 41 -8.51 23.22 -28.02
N HIS A 42 -7.94 24.02 -28.92
CA HIS A 42 -6.83 23.53 -29.72
C HIS A 42 -5.68 23.15 -28.82
N PHE A 43 -5.31 24.06 -27.91
CA PHE A 43 -4.16 23.81 -27.02
C PHE A 43 -4.31 22.52 -26.25
N TYR A 44 -5.47 22.32 -25.67
CA TYR A 44 -5.67 21.11 -24.85
C TYR A 44 -5.74 19.82 -25.70
N ARG A 45 -6.30 19.89 -26.90
N ARG A 45 -6.30 19.89 -26.90
CA ARG A 45 -6.47 18.69 -27.70
CA ARG A 45 -6.46 18.71 -27.75
C ARG A 45 -5.16 18.26 -28.40
C ARG A 45 -5.13 18.26 -28.39
N ARG A 46 -4.30 19.23 -28.74
CA ARG A 46 -3.17 18.97 -29.57
C ARG A 46 -1.80 19.26 -28.97
N LEU A 47 -1.67 20.09 -27.94
CA LEU A 47 -0.36 20.54 -27.49
C LEU A 47 -0.07 20.15 -26.05
N TRP A 48 -1.10 20.23 -25.20
CA TRP A 48 -1.01 19.88 -23.80
C TRP A 48 -0.51 18.44 -23.70
N GLU A 49 0.58 18.29 -22.99
CA GLU A 49 1.25 16.97 -22.76
C GLU A 49 1.87 16.39 -24.01
N ARG A 50 1.98 17.19 -25.08
CA ARG A 50 2.52 16.65 -26.37
C ARG A 50 3.69 17.45 -26.94
N GLU A 51 3.59 18.76 -26.94
CA GLU A 51 4.50 19.63 -27.65
C GLU A 51 4.90 20.81 -26.80
N ALA A 52 6.14 21.28 -26.95
CA ALA A 52 6.50 22.62 -26.52
C ALA A 52 5.78 23.64 -27.39
N VAL A 53 5.37 24.76 -26.79
CA VAL A 53 4.62 25.82 -27.47
C VAL A 53 5.17 27.18 -27.12
N LEU A 54 5.52 27.99 -28.11
CA LEU A 54 5.89 29.39 -27.91
C LEU A 54 4.80 30.31 -28.36
N VAL A 55 4.44 31.28 -27.53
CA VAL A 55 3.55 32.33 -27.94
C VAL A 55 4.31 33.64 -27.92
N ARG A 56 4.54 34.16 -29.10
CA ARG A 56 5.21 35.43 -29.30
C ARG A 56 4.17 36.50 -29.16
N ARG A 57 4.19 37.24 -28.07
CA ARG A 57 3.05 38.10 -27.81
C ARG A 57 3.01 39.35 -28.67
N GLN A 58 4.18 39.86 -29.03
CA GLN A 58 4.34 41.18 -29.63
C GLN A 58 3.69 42.22 -28.73
N ASP A 59 3.93 42.14 -27.42
CA ASP A 59 3.34 43.09 -26.50
C ASP A 59 4.03 42.93 -25.15
N HIS A 60 5.10 43.72 -24.99
CA HIS A 60 5.88 43.76 -23.78
C HIS A 60 5.09 44.11 -22.54
N THR A 61 3.91 44.71 -22.72
CA THR A 61 3.14 45.11 -21.57
C THR A 61 2.13 44.05 -21.12
N TYR A 62 2.06 42.91 -21.82
CA TYR A 62 0.97 41.95 -21.62
C TYR A 62 0.74 41.57 -20.14
N TYR A 63 1.83 41.29 -19.45
CA TYR A 63 1.78 40.89 -18.05
C TYR A 63 1.97 41.99 -17.03
N GLN A 64 2.00 43.26 -17.44
CA GLN A 64 2.27 44.33 -16.46
C GLN A 64 1.24 44.35 -15.31
N GLY A 65 1.73 44.36 -14.07
CA GLY A 65 0.92 44.29 -12.87
C GLY A 65 0.98 42.89 -12.22
N LEU A 66 1.53 41.88 -12.89
CA LEU A 66 1.55 40.54 -12.29
C LEU A 66 2.59 40.46 -11.20
N PHE A 67 3.86 40.70 -11.59
CA PHE A 67 4.93 40.64 -10.68
C PHE A 67 6.15 41.29 -11.31
N SER A 68 6.97 41.98 -10.52
CA SER A 68 8.11 42.73 -11.04
C SER A 68 9.24 42.56 -10.09
N THR A 69 10.41 42.99 -10.52
CA THR A 69 11.58 42.89 -9.69
C THR A 69 11.46 43.88 -8.55
N ALA A 70 10.86 45.03 -8.79
CA ALA A 70 10.52 45.98 -7.70
C ALA A 70 9.68 45.27 -6.60
N ASP A 71 8.70 44.44 -6.98
CA ASP A 71 7.85 43.73 -6.03
C ASP A 71 8.75 42.88 -5.17
N LEU A 72 9.71 42.22 -5.83
CA LEU A 72 10.64 41.37 -5.09
C LEU A 72 11.49 42.19 -4.12
N ASP A 73 11.92 43.38 -4.55
CA ASP A 73 12.78 44.22 -3.75
C ASP A 73 12.02 44.64 -2.48
N SER A 74 10.78 45.12 -2.62
CA SER A 74 9.94 45.45 -1.43
C SER A 74 9.71 44.27 -0.50
N MET A 75 9.51 43.11 -1.10
CA MET A 75 9.33 41.89 -0.34
C MET A 75 10.50 41.58 0.58
N LEU A 76 11.71 41.69 0.06
CA LEU A 76 12.92 41.42 0.83
C LEU A 76 13.06 42.39 2.02
N ARG A 77 12.56 43.59 1.84
CA ARG A 77 12.71 44.65 2.80
C ARG A 77 11.65 44.52 3.88
N ASN A 78 10.41 44.24 3.46
CA ASN A 78 9.23 44.40 4.27
C ASN A 78 8.59 43.12 4.77
N GLU A 79 8.99 41.96 4.25
CA GLU A 79 8.45 40.68 4.70
C GLU A 79 9.62 39.90 5.19
N GLU A 80 9.37 38.87 5.99
CA GLU A 80 10.46 38.00 6.48
C GLU A 80 10.75 36.85 5.53
N VAL A 81 11.37 37.22 4.40
CA VAL A 81 11.85 36.28 3.43
C VAL A 81 13.13 35.66 3.94
N GLN A 82 13.17 34.32 3.97
CA GLN A 82 14.31 33.51 4.40
C GLN A 82 14.92 32.72 3.22
N PHE A 83 16.25 32.66 3.22
CA PHE A 83 16.97 31.78 2.34
C PHE A 83 16.55 30.35 2.62
N GLY A 84 16.41 29.56 1.56
CA GLY A 84 16.04 28.15 1.68
C GLY A 84 14.54 28.03 1.70
N GLN A 85 13.91 28.61 2.72
CA GLN A 85 12.48 28.45 2.85
C GLN A 85 11.71 29.16 1.73
N HIS A 86 12.14 30.37 1.39
CA HIS A 86 11.41 31.19 0.43
C HIS A 86 12.28 31.56 -0.76
N LEU A 87 13.58 31.68 -0.60
CA LEU A 87 14.43 32.25 -1.64
C LEU A 87 15.71 31.46 -1.81
N ASP A 88 15.98 31.04 -3.04
CA ASP A 88 17.24 30.44 -3.40
C ASP A 88 18.08 31.41 -4.21
N ALA A 89 19.40 31.33 -4.01
CA ALA A 89 20.39 31.89 -4.89
C ALA A 89 21.14 30.73 -5.56
N ALA A 90 21.15 30.73 -6.90
CA ALA A 90 21.65 29.61 -7.70
C ALA A 90 22.59 30.10 -8.77
N ARG A 91 23.67 29.34 -8.97
CA ARG A 91 24.59 29.49 -10.10
C ARG A 91 24.83 28.20 -10.88
N TYR A 92 24.98 28.37 -12.18
CA TYR A 92 25.47 27.34 -13.10
C TYR A 92 26.66 27.93 -13.91
N ILE A 93 27.91 27.59 -13.52
CA ILE A 93 29.14 27.91 -14.29
C ILE A 93 30.06 26.69 -14.41
N ASN A 94 30.84 26.66 -15.49
CA ASN A 94 31.71 25.50 -15.79
C ASN A 94 30.95 24.16 -15.63
N GLY A 95 29.67 24.13 -16.04
CA GLY A 95 28.83 22.91 -15.99
C GLY A 95 28.31 22.41 -14.65
N ARG A 96 28.53 23.18 -13.59
N ARG A 96 28.53 23.16 -13.58
CA ARG A 96 28.15 22.76 -12.24
CA ARG A 96 28.15 22.68 -12.26
C ARG A 96 27.04 23.64 -11.72
C ARG A 96 27.10 23.60 -11.64
N ARG A 97 25.96 23.01 -11.28
CA ARG A 97 24.96 23.70 -10.47
C ARG A 97 25.53 23.99 -9.05
N GLU A 98 25.44 25.25 -8.57
CA GLU A 98 25.77 25.61 -7.19
C GLU A 98 24.55 26.24 -6.48
N THR A 99 24.46 26.07 -5.16
CA THR A 99 23.46 26.77 -4.34
C THR A 99 24.20 27.51 -3.29
N LEU A 100 23.87 28.77 -3.10
CA LEU A 100 24.73 29.67 -2.33
C LEU A 100 23.99 30.34 -1.20
N ASN A 101 22.88 29.75 -0.77
CA ASN A 101 22.07 30.33 0.24
C ASN A 101 22.79 30.37 1.57
N PRO A 102 23.03 31.54 2.09
CA PRO A 102 23.45 31.57 3.49
C PRO A 102 22.24 31.36 4.44
N PRO A 103 22.44 30.74 5.61
CA PRO A 103 21.29 30.51 6.47
C PRO A 103 20.72 31.83 6.94
N GLY A 104 19.40 31.83 7.13
CA GLY A 104 18.68 32.93 7.74
C GLY A 104 17.92 33.86 6.81
N ARG A 105 17.79 35.09 7.29
CA ARG A 105 16.99 36.13 6.68
C ARG A 105 17.70 36.52 5.39
N ALA A 106 16.91 36.77 4.34
CA ALA A 106 17.35 37.26 3.07
C ALA A 106 17.07 38.73 2.91
N LEU A 107 17.88 39.54 3.54
CA LEU A 107 17.83 40.94 3.33
C LEU A 107 18.32 41.34 1.96
N PRO A 108 17.77 42.47 1.44
CA PRO A 108 18.16 43.10 0.21
C PRO A 108 19.65 43.10 0.04
N ALA A 109 20.33 43.50 1.12
CA ALA A 109 21.77 43.69 1.09
C ALA A 109 22.45 42.40 0.72
N ALA A 110 22.01 41.28 1.30
CA ALA A 110 22.62 40.02 0.97
C ALA A 110 22.08 39.59 -0.42
N ALA A 111 20.80 39.79 -0.71
CA ALA A 111 20.35 39.18 -1.97
C ALA A 111 20.98 39.87 -3.13
N TRP A 112 21.01 41.21 -3.10
CA TRP A 112 21.56 41.98 -4.24
C TRP A 112 23.07 41.76 -4.48
N SER A 113 23.87 41.55 -3.43
CA SER A 113 25.29 41.29 -3.70
C SER A 113 25.46 39.87 -4.29
N LEU A 114 24.62 38.92 -3.90
CA LEU A 114 24.63 37.62 -4.56
C LEU A 114 24.24 37.81 -6.06
N TYR A 115 23.21 38.59 -6.34
CA TYR A 115 22.80 38.86 -7.70
C TYR A 115 24.00 39.42 -8.50
N GLN A 116 24.60 40.48 -7.94
CA GLN A 116 25.88 41.10 -8.42
C GLN A 116 27.01 40.13 -8.67
N ALA A 117 27.16 39.15 -7.80
CA ALA A 117 28.18 38.15 -8.02
C ALA A 117 27.72 37.07 -9.01
N GLY A 118 26.64 37.33 -9.76
CA GLY A 118 26.19 36.38 -10.80
C GLY A 118 25.19 35.25 -10.45
N CYS A 119 24.62 35.27 -9.23
CA CYS A 119 23.55 34.36 -8.83
C CYS A 119 22.15 34.73 -9.27
N SER A 120 21.40 33.70 -9.72
CA SER A 120 19.98 33.85 -10.01
C SER A 120 19.29 33.83 -8.68
N LEU A 121 18.21 34.59 -8.56
CA LEU A 121 17.35 34.54 -7.39
C LEU A 121 15.97 33.92 -7.76
N ARG A 122 15.57 32.91 -7.00
CA ARG A 122 14.35 32.19 -7.15
C ARG A 122 13.50 32.24 -5.88
N LEU A 123 12.31 32.78 -6.03
CA LEU A 123 11.34 32.91 -5.01
C LEU A 123 10.38 31.71 -5.16
N LEU A 124 10.31 30.87 -4.12
CA LEU A 124 9.56 29.64 -4.17
C LEU A 124 8.04 29.74 -4.07
N CYS A 125 7.52 30.78 -3.45
CA CYS A 125 6.09 30.92 -3.26
C CYS A 125 5.63 32.38 -3.47
N PRO A 126 5.71 32.84 -4.73
CA PRO A 126 5.37 34.20 -4.99
C PRO A 126 3.99 34.51 -4.48
N GLN A 127 3.08 33.55 -4.59
CA GLN A 127 1.70 33.78 -4.25
C GLN A 127 1.47 34.08 -2.76
N ALA A 128 2.44 33.78 -1.90
CA ALA A 128 2.27 34.02 -0.45
C ALA A 128 2.49 35.48 -0.16
N PHE A 129 3.24 36.15 -1.04
CA PHE A 129 3.67 37.50 -0.83
C PHE A 129 3.06 38.47 -1.83
N SER A 130 2.27 38.01 -2.80
CA SER A 130 1.70 38.89 -3.82
C SER A 130 0.25 38.56 -4.14
N THR A 131 -0.64 39.54 -4.00
CA THR A 131 -2.05 39.24 -4.09
C THR A 131 -2.48 39.00 -5.55
N THR A 132 -1.73 39.58 -6.49
CA THR A 132 -2.01 39.37 -7.90
C THR A 132 -1.60 37.97 -8.39
N VAL A 133 -0.45 37.50 -7.99
CA VAL A 133 -0.04 36.16 -8.34
C VAL A 133 -1.00 35.16 -7.72
N TRP A 134 -1.42 35.44 -6.50
CA TRP A 134 -2.42 34.63 -5.80
C TRP A 134 -3.66 34.48 -6.65
N GLN A 135 -4.21 35.60 -7.11
CA GLN A 135 -5.45 35.58 -7.85
C GLN A 135 -5.26 34.80 -9.12
N PHE A 136 -4.14 35.06 -9.76
CA PHE A 136 -3.78 34.42 -10.99
C PHE A 136 -3.82 32.93 -10.78
N LEU A 137 -3.13 32.42 -9.78
CA LEU A 137 -3.09 30.96 -9.59
C LEU A 137 -4.41 30.36 -9.09
N ALA A 138 -5.12 31.12 -8.23
CA ALA A 138 -6.38 30.67 -7.66
C ALA A 138 -7.43 30.51 -8.74
N VAL A 139 -7.48 31.42 -9.68
CA VAL A 139 -8.42 31.30 -10.74
C VAL A 139 -8.00 30.13 -11.65
N LEU A 140 -6.74 30.06 -12.05
CA LEU A 140 -6.30 29.04 -12.97
C LEU A 140 -6.40 27.57 -12.44
N GLN A 141 -6.10 27.36 -11.18
CA GLN A 141 -6.26 26.04 -10.57
C GLN A 141 -7.66 25.51 -10.86
N GLU A 142 -8.66 26.36 -10.97
CA GLU A 142 -10.03 25.87 -11.07
C GLU A 142 -10.31 25.25 -12.45
N GLN A 143 -9.57 25.63 -13.51
CA GLN A 143 -9.73 25.04 -14.84
C GLN A 143 -8.67 23.96 -15.14
N PHE A 144 -7.64 23.86 -14.32
CA PHE A 144 -6.72 22.74 -14.37
C PHE A 144 -7.21 21.54 -13.63
N GLY A 145 -8.00 21.73 -12.58
CA GLY A 145 -8.37 20.60 -11.71
C GLY A 145 -7.18 20.03 -10.98
N SER A 146 -6.18 20.88 -10.72
CA SER A 146 -4.92 20.51 -10.15
C SER A 146 -4.31 21.81 -9.67
N MET A 147 -3.58 21.68 -8.57
CA MET A 147 -2.87 22.79 -8.00
C MET A 147 -2.06 23.51 -9.06
N ALA A 148 -2.21 24.84 -9.12
CA ALA A 148 -1.31 25.69 -9.90
C ALA A 148 -0.27 26.30 -8.95
N GLY A 149 1.01 25.97 -9.17
CA GLY A 149 2.11 26.51 -8.39
C GLY A 149 2.85 27.55 -9.23
N SER A 150 3.78 28.31 -8.62
CA SER A 150 4.63 29.17 -9.38
C SER A 150 5.91 29.36 -8.67
N ASN A 151 6.97 29.54 -9.43
CA ASN A 151 8.20 30.15 -8.91
C ASN A 151 8.48 31.44 -9.72
N VAL A 152 9.23 32.36 -9.12
CA VAL A 152 9.73 33.53 -9.85
C VAL A 152 11.24 33.44 -9.90
N TYR A 153 11.76 33.64 -11.11
CA TYR A 153 13.24 33.48 -11.44
C TYR A 153 13.85 34.81 -11.97
N LEU A 154 14.78 35.37 -11.18
CA LEU A 154 15.42 36.59 -11.56
C LEU A 154 16.90 36.26 -11.81
N THR A 155 17.38 36.63 -12.99
CA THR A 155 18.66 36.14 -13.46
C THR A 155 19.39 37.37 -13.91
N PRO A 156 20.62 37.54 -13.42
CA PRO A 156 21.44 38.73 -13.82
C PRO A 156 22.06 38.56 -15.20
N PRO A 157 22.52 39.67 -15.77
CA PRO A 157 23.10 39.65 -17.13
C PRO A 157 24.25 38.71 -17.32
N ASN A 158 24.33 38.11 -18.51
CA ASN A 158 25.50 37.28 -18.83
C ASN A 158 25.76 36.15 -17.80
N SER A 159 24.73 35.37 -17.52
CA SER A 159 24.82 34.26 -16.55
C SER A 159 23.73 33.24 -16.80
N GLN A 160 23.98 32.01 -16.35
CA GLN A 160 22.92 31.02 -16.31
C GLN A 160 22.78 30.60 -14.84
N GLY A 161 21.55 30.67 -14.30
CA GLY A 161 21.22 30.26 -12.94
C GLY A 161 21.13 28.75 -12.73
N PHE A 162 20.66 28.00 -13.74
CA PHE A 162 20.26 26.60 -13.52
C PHE A 162 20.78 25.71 -14.66
N ALA A 163 21.20 24.47 -14.29
CA ALA A 163 21.57 23.35 -15.22
C ALA A 163 20.40 22.89 -16.13
N PRO A 164 20.71 22.29 -17.28
CA PRO A 164 19.66 21.70 -18.04
C PRO A 164 19.02 20.55 -17.24
N HIS A 165 17.70 20.50 -17.21
CA HIS A 165 16.98 19.43 -16.49
C HIS A 165 15.61 19.36 -17.08
N TYR A 166 14.88 18.32 -16.73
CA TYR A 166 13.37 18.34 -16.79
C TYR A 166 12.69 18.30 -15.42
N ASP A 167 11.50 18.89 -15.34
CA ASP A 167 10.77 18.99 -14.12
C ASP A 167 9.66 17.99 -14.16
N ASP A 168 8.92 17.89 -13.05
CA ASP A 168 7.82 16.89 -12.91
C ASP A 168 6.42 17.46 -13.12
N ILE A 169 6.35 18.66 -13.69
CA ILE A 169 5.11 19.38 -13.87
C ILE A 169 5.01 19.95 -15.30
N GLU A 170 3.81 20.39 -15.61
CA GLU A 170 3.51 21.06 -16.83
C GLU A 170 3.87 22.48 -16.57
N ALA A 171 4.60 23.12 -17.48
CA ALA A 171 5.17 24.41 -17.16
C ALA A 171 4.77 25.47 -18.14
N PHE A 172 4.33 26.62 -17.61
CA PHE A 172 4.11 27.81 -18.41
C PHE A 172 5.01 28.96 -17.98
N VAL A 173 6.01 29.30 -18.82
CA VAL A 173 6.98 30.37 -18.55
C VAL A 173 6.44 31.68 -19.07
N LEU A 174 6.19 32.59 -18.13
CA LEU A 174 5.66 33.95 -18.42
C LEU A 174 6.82 34.88 -18.38
N GLN A 175 7.30 35.35 -19.53
CA GLN A 175 8.42 36.28 -19.50
C GLN A 175 7.99 37.69 -19.02
N LEU A 176 8.64 38.18 -17.95
CA LEU A 176 8.17 39.42 -17.28
C LEU A 176 8.99 40.70 -17.56
N GLU A 177 10.31 40.64 -17.51
CA GLU A 177 11.16 41.75 -17.79
C GLU A 177 12.41 41.13 -18.42
N GLY A 178 13.09 41.92 -19.27
CA GLY A 178 14.38 41.49 -19.85
C GLY A 178 14.22 40.48 -20.97
N ARG A 179 15.23 39.65 -21.15
CA ARG A 179 15.26 38.73 -22.27
C ARG A 179 16.05 37.49 -21.82
N LYS A 180 15.70 36.34 -22.36
N LYS A 180 15.69 36.33 -22.34
CA LYS A 180 16.36 35.14 -21.98
CA LYS A 180 16.37 35.13 -21.97
C LYS A 180 16.39 34.15 -23.15
C LYS A 180 16.40 34.14 -23.14
N LEU A 181 17.53 33.50 -23.34
CA LEU A 181 17.68 32.54 -24.41
C LEU A 181 17.32 31.21 -23.84
N TRP A 182 16.33 30.58 -24.48
CA TRP A 182 15.83 29.30 -24.09
C TRP A 182 16.09 28.19 -25.15
N ARG A 183 16.40 27.04 -24.59
CA ARG A 183 16.49 25.73 -25.28
C ARG A 183 15.64 24.66 -24.56
N VAL A 184 14.76 24.07 -25.33
CA VAL A 184 13.84 23.13 -24.90
C VAL A 184 14.00 21.97 -25.85
N TYR A 185 14.04 20.79 -25.25
CA TYR A 185 14.25 19.50 -25.93
C TYR A 185 13.08 18.53 -25.71
N ARG A 186 12.69 17.85 -26.77
CA ARG A 186 11.84 16.68 -26.65
C ARG A 186 12.40 15.63 -25.68
N PRO A 187 11.51 14.84 -25.11
CA PRO A 187 11.97 13.75 -24.24
C PRO A 187 13.00 12.91 -24.93
N ARG A 188 14.06 12.52 -24.22
CA ARG A 188 15.22 11.91 -24.92
C ARG A 188 14.95 10.48 -25.24
N VAL A 189 14.04 9.90 -24.49
CA VAL A 189 13.75 8.47 -24.61
C VAL A 189 12.34 8.23 -24.13
N PRO A 190 11.72 7.13 -24.59
CA PRO A 190 10.35 6.76 -24.19
C PRO A 190 10.09 6.88 -22.71
N THR A 191 10.97 6.40 -21.85
CA THR A 191 10.74 6.49 -20.43
C THR A 191 10.82 7.90 -19.90
N GLU A 192 11.44 8.82 -20.62
CA GLU A 192 11.37 10.23 -20.20
C GLU A 192 10.13 11.00 -20.65
N GLU A 193 9.38 10.48 -21.60
CA GLU A 193 8.15 11.18 -22.00
C GLU A 193 7.19 11.25 -20.80
N LEU A 194 6.65 12.43 -20.50
CA LEU A 194 5.79 12.59 -19.34
C LEU A 194 6.32 11.93 -18.05
N ALA A 195 7.57 12.25 -17.72
CA ALA A 195 8.30 11.77 -16.55
C ALA A 195 7.55 11.96 -15.25
N LEU A 196 7.74 11.03 -14.31
CA LEU A 196 7.02 11.08 -13.03
C LEU A 196 7.67 11.99 -11.98
N THR A 197 8.99 12.10 -12.06
CA THR A 197 9.77 12.87 -11.07
C THR A 197 10.81 13.73 -11.80
N SER A 198 11.28 14.78 -11.15
CA SER A 198 12.24 15.64 -11.75
C SER A 198 13.52 14.91 -12.08
N SER A 199 14.23 15.29 -13.12
CA SER A 199 15.56 14.65 -13.43
C SER A 199 16.69 15.18 -12.57
N PRO A 200 17.84 14.53 -12.62
CA PRO A 200 19.01 15.18 -12.12
C PRO A 200 19.45 16.30 -13.02
N ASN A 201 20.22 17.23 -12.48
CA ASN A 201 20.89 18.23 -13.30
C ASN A 201 21.71 17.49 -14.33
N PHE A 202 21.57 17.84 -15.59
CA PHE A 202 22.34 17.19 -16.67
C PHE A 202 23.53 18.04 -17.16
N SER A 203 24.36 17.44 -18.03
CA SER A 203 25.40 18.21 -18.70
C SER A 203 25.10 18.36 -20.18
N GLN A 204 25.88 19.17 -20.87
CA GLN A 204 25.65 19.40 -22.28
C GLN A 204 25.91 18.10 -23.05
N ASP A 205 26.90 17.27 -22.72
CA ASP A 205 27.07 15.96 -23.47
C ASP A 205 25.84 15.00 -23.41
N ASP A 206 24.93 15.27 -22.46
CA ASP A 206 23.71 14.46 -22.27
C ASP A 206 22.53 14.89 -23.14
N LEU A 207 22.68 16.03 -23.81
CA LEU A 207 21.63 16.66 -24.58
C LEU A 207 21.73 16.32 -26.03
N GLY A 208 20.58 16.12 -26.66
CA GLY A 208 20.48 16.14 -28.13
C GLY A 208 20.32 17.59 -28.70
N GLU A 209 19.49 17.70 -29.73
CA GLU A 209 19.20 18.96 -30.38
C GLU A 209 17.88 19.58 -29.82
N PRO A 210 17.90 20.87 -29.50
CA PRO A 210 16.69 21.57 -29.07
C PRO A 210 15.58 21.46 -30.12
N VAL A 211 14.34 21.26 -29.70
CA VAL A 211 13.19 21.38 -30.61
C VAL A 211 12.76 22.85 -30.67
N LEU A 212 13.26 23.66 -29.75
CA LEU A 212 12.83 25.05 -29.66
C LEU A 212 13.93 25.86 -29.01
N GLN A 213 14.30 26.92 -29.69
CA GLN A 213 15.41 27.70 -29.25
C GLN A 213 15.03 29.09 -29.58
N THR A 214 14.76 29.91 -28.58
CA THR A 214 14.22 31.24 -28.83
C THR A 214 14.68 32.18 -27.75
N VAL A 215 14.68 33.48 -28.04
CA VAL A 215 14.99 34.48 -27.04
C VAL A 215 13.66 34.96 -26.61
N LEU A 216 13.27 34.71 -25.35
CA LEU A 216 12.00 35.23 -24.89
C LEU A 216 12.03 36.70 -24.50
N GLU A 217 10.93 37.42 -24.73
CA GLU A 217 10.78 38.85 -24.38
C GLU A 217 9.52 39.09 -23.54
N PRO A 218 9.45 40.25 -22.86
CA PRO A 218 8.35 40.34 -21.92
C PRO A 218 7.05 40.19 -22.64
N GLY A 219 6.13 39.47 -22.02
CA GLY A 219 4.81 39.20 -22.61
C GLY A 219 4.74 37.83 -23.25
N ASP A 220 5.85 37.32 -23.74
CA ASP A 220 5.85 35.98 -24.30
C ASP A 220 5.50 34.90 -23.24
N LEU A 221 5.14 33.77 -23.81
CA LEU A 221 4.86 32.56 -23.11
C LEU A 221 5.55 31.34 -23.74
N LEU A 222 6.13 30.55 -22.87
CA LEU A 222 6.69 29.28 -23.33
C LEU A 222 6.11 28.16 -22.46
N TYR A 223 5.47 27.19 -23.09
CA TYR A 223 4.93 26.05 -22.42
C TYR A 223 5.65 24.80 -22.88
N PHE A 224 5.98 23.93 -21.95
CA PHE A 224 6.44 22.57 -22.29
C PHE A 224 6.02 21.55 -21.22
N PRO A 225 5.73 20.29 -21.64
CA PRO A 225 5.42 19.16 -20.76
C PRO A 225 6.58 18.66 -19.89
N ARG A 226 6.18 18.06 -18.77
CA ARG A 226 7.08 17.38 -17.87
C ARG A 226 7.83 16.34 -18.68
N GLY A 227 9.14 16.29 -18.48
CA GLY A 227 9.98 15.39 -19.28
C GLY A 227 10.77 16.11 -20.38
N PHE A 228 10.38 17.35 -20.69
CA PHE A 228 11.06 18.09 -21.74
C PHE A 228 12.21 18.74 -21.08
N ILE A 229 13.39 18.40 -21.53
CA ILE A 229 14.54 19.11 -20.94
C ILE A 229 14.49 20.56 -21.40
N HIS A 230 14.92 21.44 -20.48
CA HIS A 230 15.19 22.79 -20.78
C HIS A 230 16.37 23.43 -20.03
N GLN A 231 16.85 24.52 -20.59
CA GLN A 231 17.79 25.40 -19.94
C GLN A 231 17.69 26.82 -20.50
N ALA A 232 18.22 27.76 -19.76
CA ALA A 232 18.07 29.17 -20.13
C ALA A 232 19.21 30.06 -19.68
N GLU A 233 19.57 31.00 -20.57
CA GLU A 233 20.59 31.95 -20.27
C GLU A 233 20.25 33.34 -20.64
N CYS A 234 20.80 34.30 -19.86
CA CYS A 234 20.77 35.72 -20.20
C CYS A 234 22.04 36.06 -20.95
N GLN A 235 21.88 36.83 -21.99
CA GLN A 235 23.02 37.23 -22.79
C GLN A 235 23.16 38.73 -22.77
N ASP A 236 23.97 39.25 -23.69
CA ASP A 236 24.01 40.65 -23.99
C ASP A 236 24.15 41.27 -22.65
N GLY A 237 23.27 42.17 -22.28
CA GLY A 237 23.52 42.79 -21.00
C GLY A 237 22.32 42.88 -20.12
N VAL A 238 21.15 42.37 -20.55
CA VAL A 238 19.94 42.63 -19.81
C VAL A 238 19.71 41.46 -18.95
N HIS A 239 19.06 41.73 -17.83
CA HIS A 239 18.62 40.69 -16.90
C HIS A 239 17.37 39.94 -17.40
N SER A 240 16.91 38.93 -16.66
CA SER A 240 15.61 38.35 -16.91
C SER A 240 14.82 38.09 -15.65
N LEU A 241 13.52 38.30 -15.76
CA LEU A 241 12.55 37.93 -14.77
C LEU A 241 11.48 37.20 -15.50
N HIS A 242 11.08 36.11 -14.90
CA HIS A 242 9.99 35.30 -15.36
C HIS A 242 9.37 34.55 -14.19
N LEU A 243 8.10 34.33 -14.38
CA LEU A 243 7.26 33.57 -13.50
C LEU A 243 6.92 32.24 -14.26
N THR A 244 7.28 31.11 -13.64
CA THR A 244 6.84 29.86 -14.18
C THR A 244 5.70 29.30 -13.33
N LEU A 245 4.61 29.16 -14.06
CA LEU A 245 3.37 28.56 -13.60
C LEU A 245 3.47 27.04 -13.84
N SER A 246 3.27 26.27 -12.78
CA SER A 246 3.34 24.84 -12.86
C SER A 246 2.04 24.16 -12.36
N THR A 247 1.78 22.97 -12.88
CA THR A 247 0.59 22.22 -12.53
C THR A 247 0.77 20.75 -12.90
N TYR A 248 -0.19 19.95 -12.47
CA TYR A 248 -0.19 18.54 -12.86
C TYR A 248 1.01 17.76 -12.30
N GLN A 249 1.25 17.97 -11.02
CA GLN A 249 2.16 17.09 -10.31
C GLN A 249 1.40 15.84 -9.91
N ARG A 250 1.89 14.68 -10.35
CA ARG A 250 1.30 13.39 -9.95
C ARG A 250 -0.20 13.33 -10.12
N ASN A 251 -0.67 13.70 -11.30
CA ASN A 251 -2.07 13.67 -11.61
C ASN A 251 -2.34 12.83 -12.83
N THR A 252 -1.81 11.60 -12.80
CA THR A 252 -1.86 10.67 -13.89
C THR A 252 -2.92 9.56 -13.69
N TRP A 253 -3.32 8.97 -14.81
CA TRP A 253 -4.02 7.70 -14.83
C TRP A 253 -3.45 6.64 -13.90
N GLY A 254 -2.14 6.52 -13.92
CA GLY A 254 -1.44 5.69 -12.94
C GLY A 254 -1.60 6.01 -11.47
N ASP A 255 -1.62 7.30 -11.14
CA ASP A 255 -1.82 7.72 -9.74
C ASP A 255 -3.27 7.39 -9.32
N PHE A 256 -4.19 7.42 -10.25
CA PHE A 256 -5.58 7.06 -10.01
C PHE A 256 -5.63 5.55 -9.70
N LEU A 257 -5.00 4.74 -10.55
CA LEU A 257 -5.02 3.30 -10.39
C LEU A 257 -4.34 2.89 -9.08
N GLU A 258 -3.20 3.52 -8.77
CA GLU A 258 -2.52 3.26 -7.51
C GLU A 258 -3.47 3.22 -6.28
N ALA A 259 -4.40 4.14 -6.23
CA ALA A 259 -5.37 4.26 -5.15
C ALA A 259 -6.56 3.32 -5.39
N ILE A 260 -6.92 3.12 -6.63
CA ILE A 260 -7.99 2.19 -6.96
C ILE A 260 -7.62 0.75 -6.58
N LEU A 261 -6.40 0.31 -6.84
CA LEU A 261 -6.17 -1.11 -6.82
C LEU A 261 -6.25 -1.80 -5.48
N PRO A 262 -5.66 -1.25 -4.43
CA PRO A 262 -5.82 -1.98 -3.17
C PRO A 262 -7.29 -2.11 -2.77
N LEU A 263 -8.10 -1.09 -3.07
CA LEU A 263 -9.51 -1.16 -2.70
C LEU A 263 -10.25 -2.20 -3.53
N ALA A 264 -9.90 -2.25 -4.79
CA ALA A 264 -10.49 -3.15 -5.73
C ALA A 264 -10.23 -4.61 -5.34
N VAL A 265 -9.00 -4.93 -4.95
CA VAL A 265 -8.67 -6.28 -4.51
C VAL A 265 -9.36 -6.61 -3.21
N GLN A 266 -9.42 -5.65 -2.32
CA GLN A 266 -10.09 -5.89 -1.05
C GLN A 266 -11.56 -6.19 -1.28
N ALA A 267 -12.20 -5.41 -2.14
CA ALA A 267 -13.59 -5.65 -2.47
C ALA A 267 -13.78 -6.98 -3.23
N ALA A 268 -12.88 -7.28 -4.17
CA ALA A 268 -12.96 -8.54 -4.90
C ALA A 268 -12.91 -9.74 -3.93
N MET A 269 -12.06 -9.64 -2.91
CA MET A 269 -11.84 -10.69 -1.88
C MET A 269 -13.05 -10.80 -0.97
N GLU A 270 -13.67 -9.67 -0.66
CA GLU A 270 -14.89 -9.72 0.18
C GLU A 270 -16.10 -10.32 -0.55
N GLU A 271 -16.21 -10.13 -1.84
CA GLU A 271 -17.45 -10.34 -2.56
C GLU A 271 -17.39 -11.47 -3.55
N ASN A 272 -16.19 -12.00 -3.79
CA ASN A 272 -16.08 -13.14 -4.68
C ASN A 272 -15.08 -14.21 -4.23
N VAL A 273 -15.61 -15.41 -4.01
CA VAL A 273 -14.86 -16.53 -3.49
C VAL A 273 -13.65 -16.96 -4.34
N GLU A 274 -13.59 -16.68 -5.64
CA GLU A 274 -12.39 -17.07 -6.44
C GLU A 274 -11.13 -16.31 -5.96
N PHE A 275 -11.32 -15.12 -5.46
CA PHE A 275 -10.25 -14.35 -4.86
C PHE A 275 -9.87 -14.79 -3.43
N ARG A 276 -10.70 -15.63 -2.83
CA ARG A 276 -10.49 -16.18 -1.46
C ARG A 276 -9.99 -17.64 -1.46
N ARG A 277 -9.85 -18.24 -2.62
CA ARG A 277 -9.41 -19.61 -2.73
C ARG A 277 -7.94 -19.70 -2.47
N GLY A 278 -7.50 -20.81 -1.94
CA GLY A 278 -6.14 -20.97 -1.57
C GLY A 278 -5.24 -21.09 -2.76
N LEU A 279 -4.05 -20.57 -2.59
CA LEU A 279 -2.99 -20.81 -3.54
C LEU A 279 -2.64 -22.33 -3.63
N PRO A 280 -1.97 -22.71 -4.73
CA PRO A 280 -1.48 -24.08 -4.74
C PRO A 280 -0.52 -24.30 -3.60
N ARG A 281 -0.51 -25.52 -3.06
CA ARG A 281 0.37 -25.90 -1.98
C ARG A 281 1.81 -25.95 -2.45
N ASP A 282 2.00 -26.07 -3.77
CA ASP A 282 3.31 -26.32 -4.29
C ASP A 282 3.71 -25.31 -5.36
N PHE A 283 3.07 -24.15 -5.42
CA PHE A 283 3.47 -23.13 -6.40
C PHE A 283 4.97 -22.72 -6.23
N MET A 284 5.52 -22.79 -5.02
CA MET A 284 6.93 -22.43 -4.85
C MET A 284 7.88 -23.38 -5.58
N ASP A 285 7.34 -24.47 -6.13
CA ASP A 285 8.18 -25.38 -6.88
C ASP A 285 8.41 -24.86 -8.31
N TYR A 286 7.54 -23.97 -8.83
CA TYR A 286 7.61 -23.57 -10.24
C TYR A 286 7.47 -22.07 -10.44
N MET A 287 7.32 -21.31 -9.36
CA MET A 287 7.26 -19.85 -9.40
C MET A 287 8.36 -19.29 -8.50
N GLY A 288 8.88 -18.12 -8.87
CA GLY A 288 10.11 -17.58 -8.31
C GLY A 288 11.20 -17.40 -9.37
N ALA A 289 12.13 -16.47 -9.10
CA ALA A 289 13.35 -16.21 -9.93
C ALA A 289 14.04 -17.49 -10.39
N GLN A 290 14.29 -18.39 -9.45
CA GLN A 290 14.91 -19.68 -9.79
C GLN A 290 14.15 -20.53 -10.83
N HIS A 291 12.87 -20.25 -11.05
CA HIS A 291 12.09 -21.09 -11.94
C HIS A 291 11.68 -20.32 -13.19
N SER A 292 12.27 -19.14 -13.40
CA SER A 292 11.97 -18.29 -14.55
C SER A 292 11.97 -18.98 -15.95
N ASP A 293 12.70 -20.08 -16.07
CA ASP A 293 12.84 -20.83 -17.31
C ASP A 293 12.12 -22.17 -17.29
N SER A 294 11.44 -22.49 -16.23
CA SER A 294 10.79 -23.79 -16.14
C SER A 294 9.76 -24.02 -17.28
N LYS A 295 9.68 -25.27 -17.74
CA LYS A 295 8.62 -25.68 -18.70
C LYS A 295 7.43 -26.42 -18.01
N ASP A 296 7.28 -26.21 -16.71
CA ASP A 296 6.17 -26.86 -16.02
C ASP A 296 4.92 -26.09 -16.54
N PRO A 297 3.99 -26.79 -17.20
CA PRO A 297 2.75 -26.09 -17.56
C PRO A 297 1.96 -25.53 -16.41
N ARG A 298 2.21 -25.93 -15.15
CA ARG A 298 1.54 -25.30 -14.03
C ARG A 298 1.95 -23.84 -13.93
N ARG A 299 3.16 -23.53 -14.40
CA ARG A 299 3.69 -22.20 -14.45
C ARG A 299 2.89 -21.37 -15.37
N THR A 300 2.66 -21.88 -16.57
CA THR A 300 1.88 -21.13 -17.54
C THR A 300 0.42 -20.92 -17.13
N ALA A 301 -0.13 -21.85 -16.37
CA ALA A 301 -1.49 -21.75 -15.83
C ALA A 301 -1.57 -20.72 -14.68
N PHE A 302 -0.51 -20.69 -13.85
CA PHE A 302 -0.44 -19.76 -12.75
C PHE A 302 -0.38 -18.33 -13.33
N MET A 303 0.44 -18.10 -14.36
CA MET A 303 0.47 -16.75 -14.97
C MET A 303 -0.89 -16.39 -15.52
N GLU A 304 -1.50 -17.30 -16.23
CA GLU A 304 -2.74 -17.01 -16.87
C GLU A 304 -3.79 -16.64 -15.84
N LYS A 305 -3.91 -17.41 -14.80
CA LYS A 305 -4.85 -17.11 -13.76
C LYS A 305 -4.65 -15.71 -13.12
N VAL A 306 -3.39 -15.32 -12.89
CA VAL A 306 -3.10 -14.00 -12.36
C VAL A 306 -3.65 -12.90 -13.31
N ARG A 307 -3.34 -13.03 -14.62
CA ARG A 307 -3.81 -12.07 -15.63
C ARG A 307 -5.35 -12.12 -15.66
N VAL A 308 -5.96 -13.29 -15.52
CA VAL A 308 -7.45 -13.27 -15.46
C VAL A 308 -8.01 -12.69 -14.23
N LEU A 309 -7.43 -12.97 -13.10
CA LEU A 309 -7.98 -12.37 -11.92
C LEU A 309 -7.77 -10.85 -11.93
N VAL A 310 -6.63 -10.41 -12.44
CA VAL A 310 -6.25 -9.04 -12.40
C VAL A 310 -7.20 -8.24 -13.27
N ALA A 311 -7.42 -8.73 -14.49
CA ALA A 311 -8.47 -8.26 -15.37
C ALA A 311 -9.84 -8.09 -14.69
N ARG A 312 -10.28 -9.10 -13.96
CA ARG A 312 -11.57 -9.04 -13.27
C ARG A 312 -11.64 -7.91 -12.22
N LEU A 313 -10.52 -7.37 -11.78
CA LEU A 313 -10.57 -6.29 -10.75
C LEU A 313 -11.21 -5.00 -11.21
N GLY A 314 -11.16 -4.73 -12.51
CA GLY A 314 -11.89 -3.60 -13.15
C GLY A 314 -13.34 -3.50 -12.70
N HIS A 315 -14.00 -4.64 -12.53
CA HIS A 315 -15.35 -4.71 -12.00
C HIS A 315 -15.49 -4.20 -10.55
N PHE A 316 -14.46 -4.35 -9.74
CA PHE A 316 -14.58 -4.05 -8.31
C PHE A 316 -13.98 -2.69 -7.92
N ALA A 317 -13.59 -1.91 -8.91
CA ALA A 317 -12.87 -0.71 -8.67
C ALA A 317 -13.84 0.41 -8.25
N PRO A 318 -13.67 1.01 -7.05
CA PRO A 318 -14.53 2.08 -6.56
C PRO A 318 -14.07 3.43 -7.13
N VAL A 319 -14.31 3.60 -8.41
CA VAL A 319 -13.86 4.76 -9.13
C VAL A 319 -14.36 6.09 -8.56
N ASP A 320 -15.63 6.14 -8.13
CA ASP A 320 -16.19 7.40 -7.65
C ASP A 320 -15.61 7.76 -6.31
N ALA A 321 -15.39 6.77 -5.46
CA ALA A 321 -14.79 7.02 -4.14
C ALA A 321 -13.37 7.53 -4.31
N VAL A 322 -12.62 6.97 -5.25
CA VAL A 322 -11.26 7.48 -5.49
C VAL A 322 -11.33 8.89 -6.15
N ALA A 323 -12.27 9.10 -7.07
CA ALA A 323 -12.51 10.47 -7.54
C ALA A 323 -12.72 11.46 -6.42
N ASP A 324 -13.50 11.10 -5.39
CA ASP A 324 -13.79 12.00 -4.31
C ASP A 324 -12.61 12.20 -3.35
N GLN A 325 -11.78 11.16 -3.14
CA GLN A 325 -10.53 11.33 -2.42
C GLN A 325 -9.56 12.26 -3.12
N ARG A 326 -9.42 12.11 -4.41
CA ARG A 326 -8.60 13.09 -5.14
C ARG A 326 -9.19 14.50 -5.06
N ALA A 327 -10.54 14.61 -5.13
CA ALA A 327 -11.20 15.94 -5.03
C ALA A 327 -10.90 16.53 -3.69
N LYS A 328 -10.85 15.68 -2.66
CA LYS A 328 -10.61 16.13 -1.33
C LYS A 328 -9.17 16.64 -1.17
N ASP A 329 -8.24 15.92 -1.74
CA ASP A 329 -6.84 16.30 -1.73
C ASP A 329 -6.65 17.59 -2.51
N PHE A 330 -7.33 17.73 -3.64
CA PHE A 330 -7.26 18.95 -4.41
C PHE A 330 -7.82 20.14 -3.58
N ILE A 331 -8.91 19.90 -2.82
CA ILE A 331 -9.49 20.93 -2.00
C ILE A 331 -8.40 21.38 -1.00
N HIS A 332 -7.71 20.41 -0.38
CA HIS A 332 -6.70 20.73 0.62
C HIS A 332 -5.55 21.53 -0.03
N ASP A 333 -5.12 21.12 -1.22
CA ASP A 333 -3.97 21.77 -1.93
C ASP A 333 -4.32 23.17 -2.44
N SER A 334 -5.61 23.47 -2.59
CA SER A 334 -6.03 24.65 -3.30
C SER A 334 -5.67 25.93 -2.54
N LEU A 335 -5.38 26.97 -3.30
CA LEU A 335 -5.34 28.31 -2.80
C LEU A 335 -6.77 28.78 -2.47
N PRO A 336 -6.93 29.64 -1.45
CA PRO A 336 -8.22 30.14 -1.13
C PRO A 336 -8.71 31.05 -2.20
N PRO A 337 -10.03 31.21 -2.26
CA PRO A 337 -10.60 31.83 -3.42
C PRO A 337 -10.42 33.34 -3.46
N VAL A 338 -10.46 33.93 -4.64
CA VAL A 338 -10.41 35.40 -4.74
C VAL A 338 -11.77 35.88 -5.19
N LEU A 339 -12.41 36.67 -4.33
CA LEU A 339 -13.82 37.06 -4.46
C LEU A 339 -13.95 38.25 -5.38
N THR A 340 -14.98 38.23 -6.19
CA THR A 340 -15.29 39.43 -6.94
C THR A 340 -15.89 40.39 -5.92
N ASP A 341 -16.01 41.66 -6.28
CA ASP A 341 -16.67 42.67 -5.47
C ASP A 341 -18.09 42.26 -5.13
N ARG A 342 -18.86 41.77 -6.10
CA ARG A 342 -20.23 41.32 -5.91
C ARG A 342 -20.29 40.11 -4.97
N GLU A 343 -19.42 39.12 -5.18
CA GLU A 343 -19.36 37.97 -4.25
C GLU A 343 -19.08 38.44 -2.84
N ARG A 344 -18.12 39.35 -2.69
CA ARG A 344 -17.79 39.85 -1.38
C ARG A 344 -19.07 40.45 -0.79
N ALA A 345 -19.70 41.32 -1.56
CA ALA A 345 -20.79 42.12 -1.07
C ALA A 345 -22.03 41.28 -0.71
N LEU A 346 -22.17 40.11 -1.36
CA LEU A 346 -23.32 39.23 -1.16
C LEU A 346 -23.04 38.19 -0.12
N SER A 347 -21.93 38.27 0.57
CA SER A 347 -21.56 37.16 1.41
C SER A 347 -21.29 37.61 2.84
N VAL A 348 -20.85 36.71 3.70
CA VAL A 348 -20.59 37.07 5.08
C VAL A 348 -19.43 38.10 5.19
N TYR A 349 -18.47 37.96 4.30
CA TYR A 349 -17.35 38.86 4.22
C TYR A 349 -17.68 40.33 4.02
N GLY A 350 -18.82 40.61 3.40
CA GLY A 350 -19.19 42.00 3.06
C GLY A 350 -20.25 42.58 3.98
N LEU A 351 -20.72 41.80 4.96
CA LEU A 351 -21.60 42.29 5.98
C LEU A 351 -21.01 43.58 6.55
N PRO A 352 -21.82 44.62 6.67
CA PRO A 352 -21.20 45.89 7.03
C PRO A 352 -21.03 46.06 8.58
N ILE A 353 -21.52 45.10 9.39
CA ILE A 353 -21.23 45.04 10.83
C ILE A 353 -19.78 45.40 11.21
N ARG A 354 -19.66 46.48 12.00
CA ARG A 354 -18.36 46.97 12.41
C ARG A 354 -18.50 47.57 13.83
N TRP A 355 -17.35 47.94 14.41
CA TRP A 355 -17.32 48.55 15.72
C TRP A 355 -17.31 50.04 15.49
N GLU A 356 -18.32 50.72 15.99
CA GLU A 356 -18.41 52.16 15.80
C GLU A 356 -18.76 52.91 17.09
N ALA A 357 -17.77 53.67 17.58
CA ALA A 357 -17.92 54.48 18.78
C ALA A 357 -18.53 53.68 19.93
N GLY A 358 -17.76 52.74 20.49
CA GLY A 358 -18.19 51.99 21.69
C GLY A 358 -19.05 50.75 21.54
N GLU A 359 -19.40 50.38 20.30
CA GLU A 359 -20.32 49.27 20.04
C GLU A 359 -20.27 48.70 18.59
N PRO A 360 -20.74 47.45 18.43
CA PRO A 360 -20.98 46.89 17.12
C PRO A 360 -22.21 47.55 16.55
N VAL A 361 -22.09 48.04 15.31
CA VAL A 361 -23.20 48.56 14.52
C VAL A 361 -23.47 47.67 13.29
N ASN A 362 -24.74 47.71 12.86
CA ASN A 362 -25.36 46.84 11.84
C ASN A 362 -25.42 45.37 12.10
N VAL A 363 -25.96 44.86 13.22
CA VAL A 363 -26.20 43.40 13.19
C VAL A 363 -27.08 43.20 11.93
N GLY A 364 -26.67 42.27 11.06
CA GLY A 364 -27.39 42.00 9.83
C GLY A 364 -28.68 41.26 10.14
N ALA A 365 -29.48 41.07 9.10
CA ALA A 365 -30.66 40.24 9.23
C ALA A 365 -30.15 38.79 9.48
N GLN A 366 -31.05 37.88 9.72
CA GLN A 366 -30.70 36.50 9.65
C GLN A 366 -31.26 36.08 8.30
N LEU A 367 -30.88 34.90 7.82
CA LEU A 367 -31.52 34.37 6.63
C LEU A 367 -32.89 33.75 6.97
N THR A 368 -33.76 33.70 5.99
CA THR A 368 -35.11 33.23 6.17
C THR A 368 -35.38 32.30 4.99
N THR A 369 -36.60 31.78 4.93
CA THR A 369 -37.01 30.81 3.90
C THR A 369 -37.11 31.43 2.53
N GLU A 370 -37.20 32.76 2.54
CA GLU A 370 -37.31 33.64 1.38
C GLU A 370 -35.99 34.13 0.73
N THR A 371 -34.92 33.91 1.50
CA THR A 371 -33.59 34.28 1.05
C THR A 371 -33.20 33.31 -0.02
N GLU A 372 -32.67 33.89 -1.07
CA GLU A 372 -32.31 33.16 -2.22
C GLU A 372 -30.80 33.11 -2.14
N VAL A 373 -30.29 31.92 -2.46
CA VAL A 373 -28.91 31.54 -2.15
C VAL A 373 -28.20 30.81 -3.32
N HIS A 374 -26.88 30.84 -3.36
CA HIS A 374 -26.09 29.85 -4.11
C HIS A 374 -24.67 29.73 -3.59
N MET A 375 -23.93 28.69 -3.97
CA MET A 375 -22.55 28.60 -3.49
C MET A 375 -21.73 29.86 -3.88
N LEU A 376 -20.93 30.33 -2.92
CA LEU A 376 -20.03 31.45 -3.08
C LEU A 376 -19.31 31.41 -4.38
N GLN A 377 -18.75 30.27 -4.72
CA GLN A 377 -18.09 30.03 -6.01
C GLN A 377 -18.23 28.54 -6.31
N ASP A 378 -17.82 28.12 -7.50
CA ASP A 378 -17.97 26.72 -7.95
C ASP A 378 -16.87 25.75 -7.60
N GLY A 379 -15.71 26.24 -7.19
CA GLY A 379 -14.56 25.36 -6.89
C GLY A 379 -13.95 25.51 -5.50
N ILE A 380 -14.81 25.65 -4.50
CA ILE A 380 -14.38 25.80 -3.11
C ILE A 380 -14.81 24.66 -2.22
N ALA A 381 -15.60 23.74 -2.73
CA ALA A 381 -16.18 22.76 -1.88
C ALA A 381 -16.44 21.45 -2.57
N ARG A 382 -16.36 20.37 -1.77
CA ARG A 382 -16.56 19.00 -2.22
C ARG A 382 -17.16 18.15 -1.10
N LEU A 383 -18.22 17.45 -1.41
CA LEU A 383 -18.92 16.60 -0.44
C LEU A 383 -18.37 15.20 -0.56
N VAL A 384 -17.89 14.62 0.51
CA VAL A 384 -17.22 13.33 0.44
C VAL A 384 -17.79 12.47 1.55
N GLY A 385 -18.16 11.24 1.22
CA GLY A 385 -18.52 10.22 2.23
C GLY A 385 -17.30 9.45 2.75
N GLU A 386 -17.15 9.39 4.06
CA GLU A 386 -16.12 8.61 4.73
C GLU A 386 -16.78 7.98 5.96
N GLY A 387 -16.47 6.71 6.24
CA GLY A 387 -16.96 6.00 7.46
C GLY A 387 -18.46 6.12 7.74
N GLY A 388 -19.30 5.98 6.72
CA GLY A 388 -20.75 6.25 6.84
C GLY A 388 -21.04 7.62 7.45
N HIS A 389 -20.22 8.60 7.08
CA HIS A 389 -20.41 10.01 7.44
C HIS A 389 -20.25 10.88 6.17
N LEU A 390 -20.67 12.12 6.29
CA LEU A 390 -20.77 12.95 5.15
C LEU A 390 -20.08 14.23 5.48
N PHE A 391 -19.02 14.54 4.75
CA PHE A 391 -18.18 15.67 5.12
C PHE A 391 -17.95 16.59 3.95
N LEU A 392 -18.27 17.86 4.19
CA LEU A 392 -18.06 18.93 3.24
C LEU A 392 -16.67 19.51 3.45
N TYR A 393 -15.75 19.20 2.54
CA TYR A 393 -14.39 19.80 2.57
C TYR A 393 -14.35 21.11 1.80
N TYR A 394 -13.69 22.14 2.33
CA TYR A 394 -13.73 23.46 1.67
C TYR A 394 -12.42 24.19 1.66
N THR A 395 -12.32 25.20 0.80
CA THR A 395 -11.05 25.87 0.59
C THR A 395 -10.97 27.24 1.21
N VAL A 396 -12.09 27.76 1.73
CA VAL A 396 -12.20 29.18 2.03
C VAL A 396 -11.33 29.57 3.18
N GLU A 397 -10.81 28.62 3.98
CA GLU A 397 -9.91 28.94 5.06
C GLU A 397 -8.47 28.42 4.79
N ASN A 398 -8.19 27.95 3.58
CA ASN A 398 -6.80 27.60 3.25
C ASN A 398 -5.83 28.78 3.29
N SER A 399 -4.60 28.48 3.59
CA SER A 399 -3.53 29.46 3.58
C SER A 399 -3.09 29.59 2.11
N ARG A 400 -2.46 30.72 1.79
CA ARG A 400 -1.77 30.91 0.51
C ARG A 400 -0.50 30.08 0.44
N VAL A 401 -0.09 29.56 1.60
CA VAL A 401 1.03 28.60 1.71
C VAL A 401 0.49 27.16 1.73
N TYR A 402 1.04 26.36 0.81
CA TYR A 402 0.66 24.96 0.59
C TYR A 402 0.65 24.16 1.89
N HIS A 403 -0.53 23.65 2.26
CA HIS A 403 -0.68 22.78 3.40
C HIS A 403 -0.24 23.41 4.73
N LEU A 404 -0.21 24.72 4.83
CA LEU A 404 0.13 25.34 6.12
C LEU A 404 -0.98 25.06 7.15
N GLU A 405 -2.25 25.02 6.72
CA GLU A 405 -3.35 24.59 7.58
C GLU A 405 -3.73 23.13 7.22
N GLU A 406 -4.31 22.41 8.19
CA GLU A 406 -4.88 21.07 8.06
C GLU A 406 -6.13 21.16 7.16
N PRO A 407 -6.61 20.01 6.63
CA PRO A 407 -7.79 19.99 5.77
C PRO A 407 -9.00 20.42 6.55
N LYS A 408 -9.80 21.26 5.95
CA LYS A 408 -10.86 21.89 6.66
C LYS A 408 -12.13 21.31 6.13
N CYS A 409 -13.03 20.96 7.02
CA CYS A 409 -14.25 20.28 6.65
C CYS A 409 -15.31 20.55 7.67
N LEU A 410 -16.54 20.26 7.31
CA LEU A 410 -17.62 20.21 8.27
C LEU A 410 -18.54 19.06 7.89
N GLU A 411 -19.23 18.52 8.89
CA GLU A 411 -20.16 17.42 8.71
C GLU A 411 -21.49 17.93 8.24
N ILE A 412 -22.05 17.20 7.29
CA ILE A 412 -23.38 17.45 6.73
C ILE A 412 -24.22 16.26 7.22
N TYR A 413 -25.27 16.48 8.02
CA TYR A 413 -26.11 15.34 8.46
C TYR A 413 -26.91 14.82 7.27
N PRO A 414 -27.23 13.51 7.22
CA PRO A 414 -28.10 12.85 6.23
C PRO A 414 -29.36 13.63 5.87
N GLN A 415 -30.01 14.23 6.86
CA GLN A 415 -31.17 15.05 6.66
C GLN A 415 -30.90 16.16 5.65
N GLN A 416 -29.64 16.55 5.56
CA GLN A 416 -29.18 17.71 4.85
C GLN A 416 -28.36 17.39 3.65
N ALA A 417 -28.20 16.15 3.30
CA ALA A 417 -27.25 15.80 2.23
C ALA A 417 -27.79 16.15 0.85
N ASP A 418 -29.05 15.81 0.62
CA ASP A 418 -29.70 16.08 -0.63
C ASP A 418 -29.68 17.59 -0.94
N ALA A 419 -29.82 18.40 0.08
CA ALA A 419 -29.97 19.83 -0.17
C ALA A 419 -28.59 20.47 -0.51
N MET A 420 -27.54 19.98 0.16
CA MET A 420 -26.16 20.29 -0.13
C MET A 420 -25.72 19.87 -1.51
N GLU A 421 -26.15 18.66 -1.91
CA GLU A 421 -25.82 18.13 -3.25
C GLU A 421 -26.34 19.08 -4.35
N LEU A 422 -27.62 19.42 -4.23
CA LEU A 422 -28.30 20.39 -5.09
C LEU A 422 -27.48 21.65 -5.21
N LEU A 423 -27.21 22.25 -4.06
CA LEU A 423 -26.47 23.50 -4.00
C LEU A 423 -25.19 23.44 -4.80
N LEU A 424 -24.45 22.35 -4.62
CA LEU A 424 -23.23 22.21 -5.33
C LEU A 424 -23.46 21.92 -6.79
N GLY A 425 -24.50 21.17 -7.19
CA GLY A 425 -24.77 20.82 -8.62
C GLY A 425 -25.45 21.91 -9.47
N SER A 426 -26.04 22.91 -8.82
CA SER A 426 -26.77 23.95 -9.55
C SER A 426 -26.16 25.37 -9.54
N TYR A 427 -24.93 25.53 -9.02
CA TYR A 427 -24.24 26.82 -9.08
C TYR A 427 -24.16 27.27 -10.55
N PRO A 428 -24.43 28.54 -10.83
CA PRO A 428 -24.82 29.64 -10.00
C PRO A 428 -26.28 30.01 -10.07
N GLU A 429 -27.19 29.09 -9.91
CA GLU A 429 -28.61 29.46 -9.92
C GLU A 429 -29.12 29.63 -8.51
N PHE A 430 -29.82 30.72 -8.25
CA PHE A 430 -30.36 30.97 -6.90
C PHE A 430 -31.49 30.01 -6.51
N VAL A 431 -31.49 29.58 -5.27
CA VAL A 431 -32.51 28.71 -4.76
C VAL A 431 -33.02 29.39 -3.50
N ARG A 432 -34.33 29.45 -3.39
CA ARG A 432 -34.97 29.84 -2.16
C ARG A 432 -34.59 28.85 -1.04
N VAL A 433 -34.21 29.33 0.15
CA VAL A 433 -33.86 28.40 1.25
C VAL A 433 -35.04 27.48 1.44
N GLY A 434 -36.24 28.07 1.45
CA GLY A 434 -37.47 27.31 1.65
C GLY A 434 -37.73 26.19 0.67
N ASP A 435 -37.01 26.13 -0.46
CA ASP A 435 -37.25 25.12 -1.49
C ASP A 435 -36.18 24.06 -1.51
N LEU A 436 -35.24 24.16 -0.57
CA LEU A 436 -34.16 23.21 -0.41
C LEU A 436 -34.66 21.82 0.08
N PRO A 437 -34.26 20.73 -0.57
CA PRO A 437 -34.87 19.44 -0.21
C PRO A 437 -34.54 18.96 1.20
N CYS A 438 -35.28 19.44 2.15
CA CYS A 438 -35.06 18.98 3.48
C CYS A 438 -36.41 18.57 4.05
N ASP A 439 -36.40 17.76 5.08
CA ASP A 439 -37.66 17.37 5.70
C ASP A 439 -38.30 18.57 6.29
N SER A 440 -37.53 19.35 7.04
CA SER A 440 -38.04 20.48 7.79
C SER A 440 -37.51 21.85 7.34
N VAL A 441 -38.10 22.89 7.90
CA VAL A 441 -37.69 24.24 7.73
C VAL A 441 -36.55 24.55 8.72
N GLU A 442 -36.43 23.75 9.79
CA GLU A 442 -35.26 23.80 10.69
C GLU A 442 -34.00 23.37 9.95
N ASP A 443 -34.07 22.28 9.17
CA ASP A 443 -32.93 21.83 8.36
C ASP A 443 -32.58 22.76 7.19
N GLN A 444 -33.62 23.19 6.46
CA GLN A 444 -33.44 24.27 5.49
C GLN A 444 -32.61 25.43 6.04
N LEU A 445 -33.09 26.01 7.13
CA LEU A 445 -32.49 27.16 7.80
C LEU A 445 -31.14 26.92 8.36
N SER A 446 -30.90 25.77 8.99
CA SER A 446 -29.58 25.54 9.58
C SER A 446 -28.53 25.20 8.51
N LEU A 447 -28.88 24.56 7.39
CA LEU A 447 -27.83 24.23 6.41
C LEU A 447 -27.39 25.58 5.84
N ALA A 448 -28.36 26.35 5.36
CA ALA A 448 -28.05 27.62 4.75
C ALA A 448 -27.24 28.58 5.66
N THR A 449 -27.61 28.62 6.92
CA THR A 449 -27.01 29.52 7.89
C THR A 449 -25.60 29.07 8.17
N THR A 450 -25.42 27.76 8.35
CA THR A 450 -24.13 27.19 8.57
C THR A 450 -23.25 27.50 7.34
N LEU A 451 -23.80 27.37 6.13
CA LEU A 451 -23.00 27.49 4.95
C LEU A 451 -22.60 28.93 4.80
N TYR A 452 -23.58 29.82 4.98
CA TYR A 452 -23.34 31.25 4.93
C TYR A 452 -22.24 31.75 5.91
N ASP A 453 -22.29 31.35 7.18
CA ASP A 453 -21.36 31.89 8.22
C ASP A 453 -19.88 31.41 7.98
N LYS A 454 -19.76 30.23 7.37
CA LYS A 454 -18.51 29.66 6.96
C LYS A 454 -17.95 30.37 5.75
N GLY A 455 -18.72 31.25 5.13
CA GLY A 455 -18.25 31.89 3.86
C GLY A 455 -18.33 30.97 2.63
N LEU A 456 -19.31 30.05 2.63
CA LEU A 456 -19.52 29.10 1.57
C LEU A 456 -20.70 29.42 0.67
N LEU A 457 -21.48 30.43 1.03
CA LEU A 457 -22.79 30.67 0.39
C LEU A 457 -22.92 32.13 0.18
N LEU A 458 -23.53 32.57 -0.91
CA LEU A 458 -23.99 33.96 -1.00
C LEU A 458 -25.54 34.12 -1.07
N THR A 459 -26.00 35.36 -0.93
CA THR A 459 -27.41 35.69 -0.90
C THR A 459 -27.70 36.55 -2.15
N LYS A 460 -28.89 36.45 -2.75
CA LYS A 460 -29.19 37.30 -3.96
C LYS A 460 -29.10 38.82 -3.67
N MET A 461 -29.46 39.19 -2.45
CA MET A 461 -29.28 40.54 -1.97
C MET A 461 -28.57 40.47 -0.60
N PRO A 462 -27.79 41.51 -0.30
CA PRO A 462 -27.10 41.52 0.99
C PRO A 462 -28.10 41.39 2.13
N LEU A 463 -27.80 40.58 3.12
CA LEU A 463 -28.65 40.47 4.28
C LEU A 463 -28.64 41.79 5.01
N ALA A 464 -27.61 42.61 4.79
CA ALA A 464 -27.61 44.04 5.18
C ALA A 464 -26.46 44.87 4.57
N TRP B 6 3.48 -48.58 24.29
CA TRP B 6 4.91 -48.77 23.88
C TRP B 6 5.07 -48.92 22.35
N ASP B 7 4.02 -49.31 21.63
CA ASP B 7 3.96 -49.06 20.17
C ASP B 7 2.57 -48.61 19.71
N SER B 8 2.57 -47.89 18.59
CA SER B 8 1.35 -47.31 18.01
C SER B 8 1.53 -46.98 16.52
N PRO B 9 0.43 -46.73 15.81
CA PRO B 9 0.66 -46.37 14.41
C PRO B 9 1.50 -45.10 14.25
N LEU B 10 1.35 -44.15 15.15
CA LEU B 10 2.13 -42.91 15.06
C LEU B 10 3.60 -43.17 15.31
N ARG B 11 3.91 -43.91 16.36
CA ARG B 11 5.28 -44.30 16.60
C ARG B 11 5.88 -45.03 15.39
N ARG B 12 5.09 -45.86 14.73
CA ARG B 12 5.66 -46.59 13.58
C ARG B 12 5.91 -45.71 12.37
N VAL B 13 5.01 -44.76 12.14
CA VAL B 13 5.17 -43.91 10.98
C VAL B 13 6.36 -42.98 11.17
N LEU B 14 6.63 -42.62 12.42
CA LEU B 14 7.77 -41.74 12.70
C LEU B 14 9.06 -42.50 12.46
N ALA B 15 9.12 -43.76 12.90
CA ALA B 15 10.28 -44.59 12.60
C ALA B 15 10.43 -44.79 11.07
N GLU B 16 9.29 -44.95 10.40
CA GLU B 16 9.27 -45.06 8.94
C GLU B 16 9.80 -43.78 8.29
N LEU B 17 9.38 -42.61 8.79
CA LEU B 17 9.87 -41.36 8.18
C LEU B 17 11.37 -41.23 8.28
N ASN B 18 11.92 -41.64 9.42
CA ASN B 18 13.34 -41.57 9.70
C ASN B 18 14.18 -42.37 8.68
N ARG B 19 13.55 -43.34 8.02
CA ARG B 19 14.21 -44.15 6.95
C ARG B 19 13.91 -43.66 5.54
N ILE B 20 13.10 -42.62 5.40
CA ILE B 20 12.84 -42.02 4.06
C ILE B 20 13.82 -40.85 3.85
N PRO B 21 14.75 -41.00 2.89
CA PRO B 21 15.88 -40.08 2.77
C PRO B 21 15.50 -38.65 2.38
N SER B 22 14.45 -38.48 1.59
CA SER B 22 13.98 -37.16 1.14
C SER B 22 12.94 -36.52 2.05
N SER B 23 13.14 -35.27 2.41
CA SER B 23 12.18 -34.52 3.23
C SER B 23 10.85 -34.24 2.52
N ARG B 24 10.88 -34.04 1.20
CA ARG B 24 9.66 -33.88 0.42
C ARG B 24 8.85 -35.13 0.51
N ARG B 25 9.52 -36.27 0.37
CA ARG B 25 8.83 -37.57 0.48
C ARG B 25 8.35 -37.84 1.87
N ARG B 26 9.11 -37.51 2.87
CA ARG B 26 8.63 -37.67 4.23
C ARG B 26 7.33 -36.96 4.46
N ALA B 27 7.24 -35.75 3.92
CA ALA B 27 6.06 -34.90 4.11
C ALA B 27 4.80 -35.47 3.49
N ALA B 28 4.92 -35.88 2.23
CA ALA B 28 3.85 -36.59 1.51
C ALA B 28 3.40 -37.84 2.28
N ARG B 29 4.39 -38.60 2.75
CA ARG B 29 4.08 -39.83 3.45
C ARG B 29 3.34 -39.53 4.74
N LEU B 30 3.77 -38.52 5.51
CA LEU B 30 3.07 -38.24 6.76
C LEU B 30 1.62 -37.78 6.56
N PHE B 31 1.40 -37.00 5.53
CA PHE B 31 0.07 -36.51 5.24
C PHE B 31 -0.79 -37.67 4.74
N GLU B 32 -0.26 -38.54 3.93
CA GLU B 32 -0.96 -39.81 3.65
C GLU B 32 -1.41 -40.56 4.95
N TRP B 33 -0.48 -40.72 5.89
CA TRP B 33 -0.76 -41.39 7.14
C TRP B 33 -1.87 -40.65 7.87
N LEU B 34 -1.79 -39.33 7.86
CA LEU B 34 -2.70 -38.54 8.68
C LEU B 34 -4.16 -38.78 8.25
N ILE B 35 -4.40 -38.91 6.95
CA ILE B 35 -5.79 -39.03 6.51
C ILE B 35 -6.17 -40.46 6.13
N ALA B 36 -5.25 -41.40 6.34
CA ALA B 36 -5.46 -42.80 5.92
C ALA B 36 -6.81 -43.35 6.44
N PRO B 37 -7.52 -44.09 5.59
CA PRO B 37 -7.10 -44.61 4.28
C PRO B 37 -7.41 -43.74 3.08
N MET B 38 -7.97 -42.57 3.29
CA MET B 38 -8.23 -41.69 2.13
C MET B 38 -6.99 -41.25 1.35
N PRO B 39 -7.00 -41.42 -0.01
CA PRO B 39 -5.84 -40.99 -0.78
C PRO B 39 -5.73 -39.44 -0.78
N PRO B 40 -4.51 -38.95 -0.55
CA PRO B 40 -4.30 -37.52 -0.55
C PRO B 40 -4.80 -36.83 -1.81
N ASP B 41 -4.50 -37.45 -2.93
CA ASP B 41 -4.88 -36.90 -4.21
C ASP B 41 -6.40 -36.68 -4.34
N HIS B 42 -7.17 -37.63 -3.84
CA HIS B 42 -8.58 -37.48 -3.83
C HIS B 42 -8.95 -36.38 -2.87
N PHE B 43 -8.30 -36.37 -1.70
CA PHE B 43 -8.63 -35.36 -0.72
C PHE B 43 -8.38 -33.94 -1.27
N TYR B 44 -7.19 -33.74 -1.81
CA TYR B 44 -6.85 -32.41 -2.31
C TYR B 44 -7.69 -31.99 -3.51
N ARG B 45 -8.02 -32.93 -4.39
CA ARG B 45 -8.87 -32.57 -5.55
C ARG B 45 -10.36 -32.27 -5.20
N ARG B 46 -10.91 -33.05 -4.30
CA ARG B 46 -12.34 -33.03 -4.06
C ARG B 46 -12.79 -32.45 -2.70
N LEU B 47 -11.94 -32.43 -1.69
CA LEU B 47 -12.43 -32.14 -0.36
C LEU B 47 -11.84 -30.89 0.26
N TRP B 48 -10.55 -30.70 0.08
CA TRP B 48 -9.83 -29.54 0.51
C TRP B 48 -10.47 -28.27 0.05
N GLU B 49 -10.71 -27.37 0.99
CA GLU B 49 -11.47 -26.11 0.74
C GLU B 49 -12.85 -26.30 0.21
N ARG B 50 -13.40 -27.52 0.28
CA ARG B 50 -14.77 -27.71 -0.23
C ARG B 50 -15.76 -28.39 0.70
N GLU B 51 -15.33 -29.40 1.46
CA GLU B 51 -16.26 -30.20 2.24
C GLU B 51 -15.69 -30.49 3.61
N ALA B 52 -16.54 -30.64 4.61
CA ALA B 52 -16.15 -31.30 5.81
C ALA B 52 -15.94 -32.78 5.59
N VAL B 53 -14.96 -33.36 6.26
CA VAL B 53 -14.52 -34.75 6.09
C VAL B 53 -14.28 -35.41 7.46
N LEU B 54 -14.91 -36.53 7.69
CA LEU B 54 -14.68 -37.34 8.86
C LEU B 54 -13.99 -38.64 8.48
N VAL B 55 -12.93 -38.94 9.19
CA VAL B 55 -12.25 -40.23 9.02
C VAL B 55 -12.43 -40.96 10.32
N ARG B 56 -13.23 -42.03 10.25
CA ARG B 56 -13.50 -42.95 11.35
C ARG B 56 -12.40 -43.96 11.34
N ARG B 57 -11.52 -43.90 12.31
CA ARG B 57 -10.26 -44.64 12.19
C ARG B 57 -10.43 -46.10 12.57
N GLN B 58 -11.39 -46.38 13.45
CA GLN B 58 -11.54 -47.68 14.10
C GLN B 58 -10.21 -48.11 14.76
N ASP B 59 -9.52 -47.18 15.42
CA ASP B 59 -8.26 -47.50 16.07
C ASP B 59 -7.90 -46.40 17.06
N HIS B 60 -8.28 -46.64 18.30
CA HIS B 60 -8.07 -45.72 19.40
C HIS B 60 -6.62 -45.37 19.66
N THR B 61 -5.71 -46.20 19.15
CA THR B 61 -4.32 -45.98 19.38
C THR B 61 -3.62 -45.17 18.27
N TYR B 62 -4.33 -44.85 17.21
CA TYR B 62 -3.65 -44.28 16.03
C TYR B 62 -2.65 -43.17 16.34
N TYR B 63 -3.07 -42.23 17.18
CA TYR B 63 -2.18 -41.10 17.56
C TYR B 63 -1.38 -41.25 18.81
N GLN B 64 -1.29 -42.44 19.42
CA GLN B 64 -0.58 -42.53 20.71
C GLN B 64 0.88 -42.13 20.57
N GLY B 65 1.35 -41.29 21.49
CA GLY B 65 2.71 -40.77 21.43
C GLY B 65 2.71 -39.31 20.97
N LEU B 66 1.59 -38.83 20.39
CA LEU B 66 1.61 -37.45 19.86
C LEU B 66 1.53 -36.42 20.96
N PHE B 67 0.43 -36.45 21.73
CA PHE B 67 0.26 -35.61 22.87
C PHE B 67 -0.78 -36.22 23.77
N SER B 68 -0.62 -36.08 25.08
CA SER B 68 -1.52 -36.64 26.05
C SER B 68 -1.77 -35.63 27.15
N THR B 69 -2.77 -35.90 27.97
CA THR B 69 -3.07 -35.00 29.08
C THR B 69 -1.97 -35.09 30.12
N ALA B 70 -1.37 -36.26 30.24
CA ALA B 70 -0.17 -36.43 31.09
C ALA B 70 0.95 -35.50 30.67
N ASP B 71 1.21 -35.43 29.36
CA ASP B 71 2.14 -34.44 28.80
C ASP B 71 1.78 -33.04 29.32
N LEU B 72 0.49 -32.69 29.28
CA LEU B 72 0.12 -31.34 29.62
C LEU B 72 0.45 -31.06 31.10
N ASP B 73 0.13 -32.04 31.94
CA ASP B 73 0.29 -31.96 33.37
C ASP B 73 1.77 -31.80 33.72
N SER B 74 2.64 -32.61 33.14
CA SER B 74 4.10 -32.36 33.24
C SER B 74 4.53 -30.96 32.83
N MET B 75 4.07 -30.49 31.69
CA MET B 75 4.43 -29.17 31.23
C MET B 75 4.06 -28.05 32.17
N LEU B 76 2.86 -28.12 32.75
CA LEU B 76 2.46 -27.16 33.77
C LEU B 76 3.36 -27.19 35.00
N ARG B 77 3.92 -28.35 35.31
CA ARG B 77 4.76 -28.51 36.51
C ARG B 77 6.19 -28.04 36.24
N ASN B 78 6.69 -28.42 35.07
CA ASN B 78 8.10 -28.41 34.76
C ASN B 78 8.53 -27.32 33.80
N GLU B 79 7.58 -26.62 33.15
CA GLU B 79 7.91 -25.53 32.20
C GLU B 79 7.20 -24.28 32.70
N GLU B 80 7.61 -23.11 32.23
CA GLU B 80 7.00 -21.85 32.67
C GLU B 80 5.88 -21.49 31.75
N VAL B 81 4.74 -22.13 31.98
CA VAL B 81 3.54 -21.95 31.24
C VAL B 81 2.76 -20.87 31.94
N GLN B 82 2.37 -19.85 31.18
CA GLN B 82 1.60 -18.72 31.64
C GLN B 82 0.18 -18.75 31.04
N PHE B 83 -0.81 -18.41 31.86
CA PHE B 83 -2.08 -18.01 31.37
C PHE B 83 -1.97 -16.88 30.30
N GLY B 84 -2.79 -16.96 29.27
CA GLY B 84 -2.86 -15.89 28.24
C GLY B 84 -1.79 -16.12 27.19
N GLN B 85 -0.52 -16.05 27.57
CA GLN B 85 0.57 -16.25 26.64
C GLN B 85 0.60 -17.68 26.09
N HIS B 86 0.41 -18.68 26.94
CA HIS B 86 0.50 -20.08 26.53
C HIS B 86 -0.80 -20.89 26.71
N LEU B 87 -1.56 -20.62 27.78
CA LEU B 87 -2.70 -21.40 28.16
C LEU B 87 -3.93 -20.51 28.40
N ASP B 88 -5.06 -20.88 27.80
CA ASP B 88 -6.36 -20.30 28.10
C ASP B 88 -7.23 -21.31 28.90
N ALA B 89 -8.04 -20.76 29.79
CA ALA B 89 -9.16 -21.43 30.46
C ALA B 89 -10.49 -20.76 29.99
N ALA B 90 -11.35 -21.55 29.34
CA ALA B 90 -12.52 -21.09 28.57
C ALA B 90 -13.73 -21.89 29.00
N ARG B 91 -14.87 -21.21 29.11
CA ARG B 91 -16.20 -21.79 29.32
C ARG B 91 -17.25 -21.19 28.38
N TYR B 92 -18.19 -22.07 27.98
CA TYR B 92 -19.38 -21.71 27.19
C TYR B 92 -20.60 -22.30 27.94
N ILE B 93 -21.44 -21.43 28.52
CA ILE B 93 -22.35 -21.82 29.59
C ILE B 93 -23.84 -21.42 29.48
N ASN B 94 -24.11 -20.14 29.26
CA ASN B 94 -25.52 -19.73 29.20
C ASN B 94 -25.70 -19.04 27.87
N GLY B 95 -25.23 -19.68 26.80
CA GLY B 95 -25.01 -19.04 25.49
C GLY B 95 -23.84 -18.07 25.42
N ARG B 96 -23.05 -17.98 26.49
CA ARG B 96 -21.99 -16.98 26.58
C ARG B 96 -20.64 -17.66 26.72
N ARG B 97 -19.74 -17.23 25.84
CA ARG B 97 -18.35 -17.52 26.03
C ARG B 97 -17.70 -16.68 27.13
N GLU B 98 -16.98 -17.32 28.07
CA GLU B 98 -16.19 -16.62 29.10
C GLU B 98 -14.69 -16.98 28.98
N THR B 99 -13.83 -16.11 29.50
CA THR B 99 -12.42 -16.43 29.68
C THR B 99 -12.02 -16.23 31.09
N LEU B 100 -11.37 -17.22 31.67
CA LEU B 100 -11.18 -17.20 33.10
C LEU B 100 -9.73 -17.20 33.48
N ASN B 101 -8.87 -16.71 32.61
CA ASN B 101 -7.44 -16.70 32.89
C ASN B 101 -7.06 -15.76 34.03
N PRO B 102 -6.49 -16.26 35.12
CA PRO B 102 -5.87 -15.36 36.07
C PRO B 102 -4.49 -14.96 35.54
N PRO B 103 -3.99 -13.77 35.88
CA PRO B 103 -2.73 -13.38 35.28
C PRO B 103 -1.63 -14.14 35.97
N GLY B 104 -0.59 -14.48 35.22
CA GLY B 104 0.61 -15.11 35.74
C GLY B 104 0.76 -16.57 35.31
N ARG B 105 1.54 -17.26 36.14
CA ARG B 105 1.94 -18.63 35.95
C ARG B 105 0.69 -19.49 36.07
N ALA B 106 0.62 -20.52 35.24
CA ALA B 106 -0.38 -21.54 35.26
C ALA B 106 0.12 -22.80 35.90
N LEU B 107 0.13 -22.79 37.22
CA LEU B 107 0.48 -23.98 37.95
C LEU B 107 -0.61 -24.99 37.87
N PRO B 108 -0.26 -26.30 37.99
CA PRO B 108 -1.16 -27.42 38.03
C PRO B 108 -2.33 -27.18 38.92
N ALA B 109 -2.05 -26.66 40.10
CA ALA B 109 -3.07 -26.40 41.09
C ALA B 109 -4.13 -25.41 40.65
N ALA B 110 -3.74 -24.35 39.95
CA ALA B 110 -4.76 -23.48 39.40
C ALA B 110 -5.37 -24.15 38.15
N ALA B 111 -4.58 -24.79 37.31
CA ALA B 111 -5.20 -25.22 36.05
C ALA B 111 -6.26 -26.26 36.34
N TRP B 112 -5.92 -27.27 37.16
CA TRP B 112 -6.84 -28.37 37.47
C TRP B 112 -8.11 -27.90 38.22
N SER B 113 -7.99 -26.89 39.09
CA SER B 113 -9.23 -26.33 39.76
C SER B 113 -10.13 -25.63 38.77
N LEU B 114 -9.55 -24.98 37.77
CA LEU B 114 -10.39 -24.43 36.70
C LEU B 114 -11.01 -25.54 35.90
N TYR B 115 -10.25 -26.58 35.58
CA TYR B 115 -10.80 -27.71 34.87
C TYR B 115 -11.99 -28.26 35.62
N GLN B 116 -11.78 -28.49 36.93
CA GLN B 116 -12.80 -29.04 37.86
C GLN B 116 -14.03 -28.19 37.93
N ALA B 117 -13.86 -26.88 37.77
CA ALA B 117 -15.02 -25.98 37.75
C ALA B 117 -15.66 -25.87 36.36
N GLY B 118 -15.31 -26.75 35.44
CA GLY B 118 -15.96 -26.76 34.13
C GLY B 118 -15.28 -25.98 32.98
N CYS B 119 -14.04 -25.49 33.20
CA CYS B 119 -13.24 -24.80 32.17
C CYS B 119 -12.49 -25.74 31.27
N SER B 120 -12.53 -25.45 29.96
CA SER B 120 -11.68 -26.15 29.00
C SER B 120 -10.34 -25.51 29.16
N LEU B 121 -9.26 -26.26 28.91
CA LEU B 121 -7.92 -25.73 28.82
C LEU B 121 -7.37 -25.92 27.40
N ARG B 122 -6.85 -24.83 26.87
CA ARG B 122 -6.33 -24.72 25.57
C ARG B 122 -4.89 -24.18 25.61
N LEU B 123 -4.00 -25.00 25.09
CA LEU B 123 -2.60 -24.74 25.00
C LEU B 123 -2.33 -24.17 23.59
N LEU B 124 -1.86 -22.95 23.51
CA LEU B 124 -1.77 -22.24 22.19
C LEU B 124 -0.61 -22.66 21.26
N CYS B 125 0.46 -23.17 21.84
CA CYS B 125 1.67 -23.56 21.09
C CYS B 125 2.25 -24.91 21.59
N PRO B 126 1.47 -25.98 21.42
CA PRO B 126 1.94 -27.25 21.87
C PRO B 126 3.35 -27.54 21.38
N GLN B 127 3.63 -27.17 20.14
CA GLN B 127 4.92 -27.46 19.53
C GLN B 127 6.14 -26.85 20.22
N ALA B 128 5.94 -25.83 21.06
CA ALA B 128 7.05 -25.23 21.82
C ALA B 128 7.40 -26.12 22.98
N PHE B 129 6.50 -27.02 23.37
CA PHE B 129 6.70 -27.84 24.57
C PHE B 129 6.81 -29.30 24.29
N SER B 130 6.46 -29.74 23.08
CA SER B 130 6.48 -31.15 22.74
C SER B 130 7.27 -31.42 21.45
N THR B 131 8.25 -32.30 21.52
CA THR B 131 9.10 -32.52 20.43
C THR B 131 8.35 -33.31 19.31
N THR B 132 7.38 -34.12 19.70
CA THR B 132 6.56 -34.90 18.77
C THR B 132 5.60 -34.02 17.96
N VAL B 133 4.98 -33.04 18.61
CA VAL B 133 4.11 -32.14 17.94
C VAL B 133 4.95 -31.27 17.01
N TRP B 134 6.10 -30.85 17.49
CA TRP B 134 7.03 -30.14 16.64
C TRP B 134 7.33 -30.91 15.36
N GLN B 135 7.70 -32.18 15.50
CA GLN B 135 8.10 -32.97 14.35
C GLN B 135 6.93 -33.10 13.40
N PHE B 136 5.76 -33.41 13.96
CA PHE B 136 4.54 -33.49 13.25
C PHE B 136 4.30 -32.26 12.34
N LEU B 137 4.31 -31.06 12.94
CA LEU B 137 4.03 -29.84 12.21
C LEU B 137 5.14 -29.48 11.24
N ALA B 138 6.38 -29.70 11.65
CA ALA B 138 7.53 -29.38 10.83
C ALA B 138 7.51 -30.19 9.55
N VAL B 139 7.20 -31.48 9.66
CA VAL B 139 7.09 -32.31 8.47
C VAL B 139 5.88 -31.89 7.64
N LEU B 140 4.72 -31.72 8.25
CA LEU B 140 3.54 -31.37 7.46
C LEU B 140 3.54 -29.97 6.73
N GLN B 141 4.13 -28.97 7.36
CA GLN B 141 4.27 -27.65 6.76
C GLN B 141 4.90 -27.79 5.39
N GLU B 142 5.79 -28.78 5.21
CA GLU B 142 6.52 -28.84 3.96
C GLU B 142 5.64 -29.28 2.78
N GLN B 143 4.53 -29.97 3.03
CA GLN B 143 3.61 -30.35 1.94
C GLN B 143 2.38 -29.44 1.86
N PHE B 144 2.26 -28.52 2.81
CA PHE B 144 1.23 -27.49 2.76
C PHE B 144 1.72 -26.25 2.08
N GLY B 145 3.05 -26.03 2.04
CA GLY B 145 3.55 -24.73 1.55
C GLY B 145 3.01 -23.59 2.41
N SER B 146 2.64 -23.90 3.64
CA SER B 146 2.05 -22.91 4.54
C SER B 146 2.32 -23.42 5.93
N MET B 147 2.50 -22.45 6.83
CA MET B 147 2.72 -22.74 8.19
C MET B 147 1.64 -23.68 8.69
N ALA B 148 2.06 -24.72 9.39
CA ALA B 148 1.14 -25.62 10.13
C ALA B 148 1.24 -25.26 11.62
N GLY B 149 0.15 -24.85 12.24
CA GLY B 149 0.15 -24.54 13.64
C GLY B 149 -0.71 -25.56 14.35
N SER B 150 -0.82 -25.46 15.67
CA SER B 150 -1.75 -26.26 16.39
C SER B 150 -2.15 -25.67 17.68
N ASN B 151 -3.34 -25.99 18.14
CA ASN B 151 -3.74 -25.82 19.54
C ASN B 151 -4.18 -27.18 20.11
N VAL B 152 -4.05 -27.35 21.42
CA VAL B 152 -4.52 -28.54 22.12
C VAL B 152 -5.63 -28.05 23.05
N TYR B 153 -6.74 -28.76 22.98
CA TYR B 153 -8.00 -28.43 23.65
C TYR B 153 -8.41 -29.60 24.57
N LEU B 154 -8.41 -29.33 25.86
CA LEU B 154 -8.75 -30.34 26.83
C LEU B 154 -10.02 -29.85 27.46
N THR B 155 -11.04 -30.68 27.42
CA THR B 155 -12.37 -30.28 27.86
C THR B 155 -12.89 -31.28 28.87
N PRO B 156 -13.44 -30.79 29.98
CA PRO B 156 -13.96 -31.64 31.04
C PRO B 156 -15.37 -32.14 30.77
N PRO B 157 -15.80 -33.15 31.54
CA PRO B 157 -17.02 -33.89 31.22
C PRO B 157 -18.25 -33.04 31.35
N ASN B 158 -19.28 -33.33 30.56
CA ASN B 158 -20.55 -32.57 30.66
C ASN B 158 -20.32 -31.02 30.57
N SER B 159 -19.58 -30.58 29.56
CA SER B 159 -19.29 -29.13 29.39
C SER B 159 -18.98 -28.78 27.92
N GLN B 160 -19.25 -27.53 27.56
CA GLN B 160 -18.74 -27.01 26.33
C GLN B 160 -17.78 -25.86 26.68
N GLY B 161 -16.58 -25.89 26.08
CA GLY B 161 -15.56 -24.90 26.30
C GLY B 161 -15.68 -23.66 25.42
N PHE B 162 -16.18 -23.79 24.17
CA PHE B 162 -16.17 -22.73 23.17
C PHE B 162 -17.53 -22.55 22.47
N ALA B 163 -17.92 -21.28 22.18
CA ALA B 163 -19.12 -20.93 21.37
C ALA B 163 -19.00 -21.45 19.90
N PRO B 164 -20.15 -21.60 19.22
CA PRO B 164 -20.08 -21.94 17.84
C PRO B 164 -19.45 -20.75 17.11
N HIS B 165 -18.55 -21.06 16.17
CA HIS B 165 -17.82 -20.04 15.40
C HIS B 165 -17.27 -20.72 14.16
N TYR B 166 -16.79 -19.91 13.24
CA TYR B 166 -15.78 -20.37 12.25
C TYR B 166 -14.42 -19.70 12.39
N ASP B 167 -13.36 -20.41 12.00
CA ASP B 167 -11.99 -19.91 12.14
C ASP B 167 -11.49 -19.52 10.77
N ASP B 168 -10.28 -18.93 10.73
CA ASP B 168 -9.72 -18.38 9.50
C ASP B 168 -8.71 -19.29 8.84
N ILE B 169 -8.67 -20.56 9.25
CA ILE B 169 -7.71 -21.52 8.75
C ILE B 169 -8.38 -22.84 8.36
N GLU B 170 -7.59 -23.67 7.69
CA GLU B 170 -8.03 -24.98 7.36
C GLU B 170 -7.71 -25.84 8.57
N ALA B 171 -8.67 -26.63 9.03
CA ALA B 171 -8.51 -27.30 10.30
C ALA B 171 -8.58 -28.78 10.20
N PHE B 172 -7.61 -29.47 10.78
CA PHE B 172 -7.67 -30.89 11.03
C PHE B 172 -7.72 -31.21 12.56
N VAL B 173 -8.87 -31.70 13.06
CA VAL B 173 -9.07 -32.09 14.47
C VAL B 173 -8.71 -33.57 14.67
N LEU B 174 -7.72 -33.81 15.54
CA LEU B 174 -7.16 -35.15 15.77
C LEU B 174 -7.67 -35.50 17.11
N GLN B 175 -8.61 -36.43 17.20
CA GLN B 175 -9.11 -36.81 18.53
C GLN B 175 -8.08 -37.72 19.27
N LEU B 176 -7.65 -37.27 20.45
CA LEU B 176 -6.57 -37.89 21.19
C LEU B 176 -7.01 -38.77 22.34
N GLU B 177 -7.98 -38.34 23.13
CA GLU B 177 -8.45 -39.07 24.31
C GLU B 177 -9.90 -38.69 24.49
N GLY B 178 -10.69 -39.65 24.97
CA GLY B 178 -12.11 -39.33 25.35
C GLY B 178 -13.02 -39.34 24.15
N ARG B 179 -14.07 -38.54 24.23
CA ARG B 179 -15.11 -38.49 23.22
C ARG B 179 -15.61 -37.07 23.18
N LYS B 180 -16.06 -36.64 22.01
CA LYS B 180 -16.66 -35.35 21.90
C LYS B 180 -17.71 -35.25 20.79
N LEU B 181 -18.81 -34.58 21.07
CA LEU B 181 -19.85 -34.44 20.09
C LEU B 181 -19.63 -33.19 19.26
N TRP B 182 -19.47 -33.36 17.97
CA TRP B 182 -19.17 -32.30 17.06
C TRP B 182 -20.31 -32.07 16.06
N ARG B 183 -20.48 -30.78 15.80
CA ARG B 183 -21.41 -30.22 14.83
C ARG B 183 -20.65 -29.20 13.96
N VAL B 184 -20.72 -29.43 12.67
CA VAL B 184 -20.06 -28.70 11.70
C VAL B 184 -21.08 -28.34 10.68
N TYR B 185 -21.00 -27.09 10.26
CA TYR B 185 -21.98 -26.50 9.35
C TYR B 185 -21.28 -25.95 8.11
N ARG B 186 -21.95 -26.10 6.96
CA ARG B 186 -21.57 -25.43 5.72
C ARG B 186 -21.64 -23.92 5.90
N PRO B 187 -20.83 -23.22 5.10
CA PRO B 187 -20.90 -21.78 5.13
C PRO B 187 -22.29 -21.33 4.99
N ARG B 188 -22.69 -20.40 5.83
CA ARG B 188 -24.09 -19.94 5.83
C ARG B 188 -24.47 -19.08 4.62
N VAL B 189 -23.51 -18.45 3.97
CA VAL B 189 -23.81 -17.44 2.92
C VAL B 189 -22.56 -17.36 2.10
N PRO B 190 -22.69 -16.99 0.81
CA PRO B 190 -21.60 -16.96 -0.16
C PRO B 190 -20.36 -16.27 0.42
N THR B 191 -20.60 -15.20 1.16
CA THR B 191 -19.59 -14.34 1.77
C THR B 191 -18.78 -15.04 2.89
N GLU B 192 -19.39 -16.04 3.56
CA GLU B 192 -18.68 -16.83 4.54
C GLU B 192 -17.90 -18.02 3.97
N GLU B 193 -18.15 -18.37 2.73
CA GLU B 193 -17.38 -19.45 2.15
C GLU B 193 -15.89 -19.05 2.08
N LEU B 194 -15.00 -19.89 2.58
CA LEU B 194 -13.58 -19.57 2.59
C LEU B 194 -13.35 -18.13 3.13
N ALA B 195 -13.95 -17.85 4.27
CA ALA B 195 -13.68 -16.66 5.06
C ALA B 195 -12.22 -16.29 5.25
N LEU B 196 -11.99 -14.98 5.18
CA LEU B 196 -10.67 -14.38 5.38
C LEU B 196 -10.28 -14.22 6.85
N THR B 197 -11.26 -13.95 7.70
CA THR B 197 -11.02 -13.76 9.14
C THR B 197 -11.97 -14.57 10.02
N SER B 198 -11.55 -14.86 11.23
CA SER B 198 -12.35 -15.56 12.16
C SER B 198 -13.65 -14.86 12.49
N SER B 199 -14.71 -15.62 12.77
CA SER B 199 -16.04 -15.03 13.01
C SER B 199 -16.19 -14.62 14.42
N PRO B 200 -17.25 -13.90 14.71
CA PRO B 200 -17.51 -13.71 16.08
C PRO B 200 -18.09 -14.99 16.71
N ASN B 201 -18.03 -15.13 18.03
CA ASN B 201 -18.81 -16.18 18.72
C ASN B 201 -20.28 -15.97 18.34
N PHE B 202 -20.95 -17.02 17.92
CA PHE B 202 -22.36 -16.96 17.47
C PHE B 202 -23.27 -17.62 18.49
N SER B 203 -24.57 -17.42 18.33
CA SER B 203 -25.55 -18.13 19.20
C SER B 203 -26.25 -19.19 18.37
N GLN B 204 -26.99 -20.05 19.03
CA GLN B 204 -27.66 -21.15 18.33
C GLN B 204 -28.74 -20.59 17.37
N ASP B 205 -29.48 -19.55 17.74
CA ASP B 205 -30.38 -18.86 16.80
C ASP B 205 -29.72 -18.45 15.43
N ASP B 206 -28.40 -18.30 15.40
CA ASP B 206 -27.66 -17.90 14.18
C ASP B 206 -27.29 -19.07 13.25
N LEU B 207 -27.53 -20.31 13.71
CA LEU B 207 -27.08 -21.50 13.06
C LEU B 207 -28.17 -22.13 12.21
N GLY B 208 -27.77 -22.77 11.13
CA GLY B 208 -28.65 -23.62 10.34
C GLY B 208 -28.57 -25.08 10.80
N GLU B 209 -28.66 -25.97 9.83
CA GLU B 209 -28.62 -27.37 10.10
C GLU B 209 -27.16 -27.91 9.88
N PRO B 210 -26.58 -28.64 10.88
CA PRO B 210 -25.25 -29.26 10.68
C PRO B 210 -25.19 -30.09 9.42
N VAL B 211 -24.09 -30.00 8.70
CA VAL B 211 -23.83 -30.92 7.61
C VAL B 211 -23.13 -32.13 8.16
N LEU B 212 -22.54 -32.02 9.34
CA LEU B 212 -21.87 -33.17 9.97
C LEU B 212 -22.01 -33.17 11.48
N GLN B 213 -22.55 -34.25 12.02
CA GLN B 213 -22.78 -34.35 13.40
C GLN B 213 -22.27 -35.70 13.85
N THR B 214 -21.26 -35.74 14.70
CA THR B 214 -20.70 -37.01 15.09
C THR B 214 -20.03 -36.94 16.43
N VAL B 215 -19.87 -38.09 17.07
CA VAL B 215 -19.12 -38.19 18.31
C VAL B 215 -17.76 -38.65 17.91
N LEU B 216 -16.73 -37.81 18.07
CA LEU B 216 -15.37 -38.28 17.72
C LEU B 216 -14.79 -39.20 18.75
N GLU B 217 -14.00 -40.17 18.35
CA GLU B 217 -13.26 -40.99 19.32
C GLU B 217 -11.75 -41.03 19.00
N PRO B 218 -10.92 -41.42 19.98
CA PRO B 218 -9.50 -41.30 19.73
C PRO B 218 -9.12 -42.03 18.46
N GLY B 219 -8.12 -41.50 17.77
CA GLY B 219 -7.74 -41.92 16.41
C GLY B 219 -8.54 -41.24 15.28
N ASP B 220 -9.76 -40.82 15.53
CA ASP B 220 -10.54 -40.15 14.45
C ASP B 220 -9.92 -38.82 14.02
N LEU B 221 -10.28 -38.43 12.82
CA LEU B 221 -9.98 -37.12 12.20
C LEU B 221 -11.20 -36.40 11.65
N LEU B 222 -11.31 -35.12 11.96
CA LEU B 222 -12.33 -34.31 11.36
C LEU B 222 -11.66 -33.14 10.74
N TYR B 223 -11.91 -32.92 9.47
CA TYR B 223 -11.39 -31.77 8.70
C TYR B 223 -12.52 -30.89 8.25
N PHE B 224 -12.33 -29.57 8.30
CA PHE B 224 -13.27 -28.66 7.67
C PHE B 224 -12.56 -27.35 7.29
N PRO B 225 -12.96 -26.78 6.14
CA PRO B 225 -12.48 -25.51 5.65
C PRO B 225 -12.86 -24.28 6.49
N ARG B 226 -11.98 -23.29 6.44
CA ARG B 226 -12.22 -21.98 7.02
C ARG B 226 -13.57 -21.52 6.51
N GLY B 227 -14.38 -20.98 7.43
CA GLY B 227 -15.75 -20.56 7.12
C GLY B 227 -16.83 -21.55 7.56
N PHE B 228 -16.42 -22.81 7.86
CA PHE B 228 -17.40 -23.80 8.33
C PHE B 228 -17.58 -23.58 9.81
N ILE B 229 -18.79 -23.25 10.21
CA ILE B 229 -19.01 -23.10 11.60
C ILE B 229 -18.86 -24.49 12.21
N HIS B 230 -18.35 -24.50 13.44
CA HIS B 230 -18.40 -25.62 14.26
C HIS B 230 -18.57 -25.33 15.77
N GLN B 231 -19.00 -26.36 16.47
CA GLN B 231 -19.01 -26.40 17.91
C GLN B 231 -18.88 -27.82 18.40
N ALA B 232 -18.52 -27.93 19.67
CA ALA B 232 -18.25 -29.24 20.25
C ALA B 232 -18.60 -29.37 21.71
N GLU B 233 -19.00 -30.58 22.12
CA GLU B 233 -19.27 -30.82 23.53
C GLU B 233 -18.92 -32.18 24.01
N CYS B 234 -18.66 -32.23 25.32
CA CYS B 234 -18.49 -33.46 26.03
C CYS B 234 -19.79 -33.82 26.77
N GLN B 235 -20.15 -35.08 26.64
CA GLN B 235 -21.38 -35.64 27.27
C GLN B 235 -20.96 -36.80 28.14
N ASP B 236 -21.92 -37.55 28.69
CA ASP B 236 -21.68 -38.96 29.07
C ASP B 236 -20.44 -39.13 29.91
N GLY B 237 -20.15 -38.13 30.71
CA GLY B 237 -19.06 -38.19 31.66
C GLY B 237 -17.66 -38.54 31.23
N VAL B 238 -17.25 -38.35 29.96
CA VAL B 238 -15.79 -38.50 29.71
C VAL B 238 -15.31 -37.17 29.33
N HIS B 239 -14.03 -36.97 29.53
CA HIS B 239 -13.36 -35.76 29.02
C HIS B 239 -13.03 -35.90 27.52
N SER B 240 -12.52 -34.81 26.93
CA SER B 240 -11.95 -34.88 25.61
C SER B 240 -10.63 -34.11 25.52
N LEU B 241 -9.71 -34.66 24.77
CA LEU B 241 -8.49 -33.98 24.41
C LEU B 241 -8.40 -34.12 22.94
N HIS B 242 -8.11 -33.01 22.29
CA HIS B 242 -7.80 -33.02 20.84
C HIS B 242 -6.81 -31.92 20.50
N LEU B 243 -6.12 -32.18 19.41
CA LEU B 243 -5.17 -31.30 18.83
C LEU B 243 -5.77 -30.87 17.46
N THR B 244 -5.89 -29.56 17.26
CA THR B 244 -6.23 -29.00 15.99
C THR B 244 -4.98 -28.47 15.30
N LEU B 245 -4.75 -29.06 14.16
CA LEU B 245 -3.73 -28.70 13.22
C LEU B 245 -4.34 -27.70 12.26
N SER B 246 -3.75 -26.53 12.15
CA SER B 246 -4.27 -25.48 11.35
C SER B 246 -3.24 -25.01 10.28
N THR B 247 -3.72 -24.62 9.12
CA THR B 247 -2.84 -24.12 8.05
C THR B 247 -3.59 -23.17 7.15
N TYR B 248 -2.85 -22.53 6.25
CA TYR B 248 -3.48 -21.72 5.18
C TYR B 248 -4.20 -20.49 5.74
N GLN B 249 -3.53 -19.83 6.65
CA GLN B 249 -3.98 -18.52 7.09
C GLN B 249 -3.53 -17.52 6.02
N ARG B 250 -4.47 -16.83 5.37
CA ARG B 250 -4.14 -15.78 4.38
C ARG B 250 -3.12 -16.27 3.33
N ASN B 251 -3.44 -17.40 2.71
CA ASN B 251 -2.68 -17.92 1.64
C ASN B 251 -3.52 -18.06 0.35
N THR B 252 -4.27 -16.98 0.03
CA THR B 252 -5.21 -16.97 -1.07
C THR B 252 -4.63 -16.25 -2.30
N TRP B 253 -5.26 -16.52 -3.43
CA TRP B 253 -5.10 -15.78 -4.66
C TRP B 253 -5.21 -14.28 -4.47
N GLY B 254 -6.20 -13.82 -3.73
CA GLY B 254 -6.25 -12.39 -3.42
C GLY B 254 -5.06 -11.85 -2.63
N ASP B 255 -4.52 -12.62 -1.71
CA ASP B 255 -3.34 -12.15 -0.96
C ASP B 255 -2.13 -12.07 -1.90
N PHE B 256 -2.05 -12.95 -2.87
CA PHE B 256 -1.03 -12.87 -3.92
C PHE B 256 -1.21 -11.54 -4.71
N LEU B 257 -2.45 -11.27 -5.17
CA LEU B 257 -2.70 -10.05 -5.93
C LEU B 257 -2.38 -8.80 -5.14
N GLU B 258 -2.73 -8.82 -3.86
CA GLU B 258 -2.57 -7.64 -2.99
C GLU B 258 -1.11 -7.15 -3.01
N ALA B 259 -0.18 -8.07 -3.11
CA ALA B 259 1.22 -7.76 -3.17
C ALA B 259 1.64 -7.45 -4.59
N ILE B 260 1.05 -8.13 -5.56
CA ILE B 260 1.38 -7.90 -6.94
C ILE B 260 0.97 -6.50 -7.43
N LEU B 261 -0.14 -5.98 -7.01
CA LEU B 261 -0.67 -4.85 -7.73
C LEU B 261 0.11 -3.58 -7.59
N PRO B 262 0.57 -3.22 -6.38
CA PRO B 262 1.26 -1.94 -6.36
C PRO B 262 2.54 -2.04 -7.20
N LEU B 263 3.17 -3.19 -7.20
CA LEU B 263 4.39 -3.31 -7.99
C LEU B 263 4.05 -3.21 -9.49
N ALA B 264 2.89 -3.71 -9.89
CA ALA B 264 2.58 -3.85 -11.28
C ALA B 264 2.25 -2.47 -11.80
N VAL B 265 1.43 -1.72 -11.06
CA VAL B 265 1.14 -0.36 -11.40
C VAL B 265 2.43 0.48 -11.50
N GLN B 266 3.32 0.34 -10.51
CA GLN B 266 4.56 1.08 -10.53
C GLN B 266 5.39 0.74 -11.76
N ALA B 267 5.52 -0.55 -12.04
CA ALA B 267 6.19 -0.97 -13.26
C ALA B 267 5.48 -0.43 -14.52
N ALA B 268 4.14 -0.46 -14.55
CA ALA B 268 3.39 0.03 -15.73
C ALA B 268 3.62 1.53 -16.00
N MET B 269 3.71 2.30 -14.90
CA MET B 269 3.93 3.73 -14.94
C MET B 269 5.37 4.03 -15.44
N GLU B 270 6.33 3.23 -15.02
CA GLU B 270 7.72 3.40 -15.49
C GLU B 270 7.93 3.04 -16.98
N GLU B 271 7.14 2.12 -17.50
CA GLU B 271 7.49 1.50 -18.79
C GLU B 271 6.55 1.79 -19.92
N ASN B 272 5.41 2.37 -19.60
CA ASN B 272 4.44 2.69 -20.61
C ASN B 272 3.76 4.04 -20.33
N VAL B 273 4.01 4.99 -21.25
CA VAL B 273 3.48 6.32 -21.17
C VAL B 273 1.95 6.41 -20.97
N GLU B 274 1.17 5.48 -21.44
CA GLU B 274 -0.31 5.58 -21.25
C GLU B 274 -0.69 5.63 -19.76
N PHE B 275 0.16 5.00 -18.93
CA PHE B 275 -0.04 5.03 -17.47
C PHE B 275 0.48 6.29 -16.84
N ARG B 276 1.17 7.12 -17.61
CA ARG B 276 1.78 8.36 -17.13
C ARG B 276 1.01 9.58 -17.63
N ARG B 277 0.01 9.39 -18.46
CA ARG B 277 -0.72 10.49 -19.02
C ARG B 277 -1.57 11.15 -17.99
N GLY B 278 -1.84 12.41 -18.17
CA GLY B 278 -2.64 13.15 -17.21
C GLY B 278 -4.11 12.77 -17.18
N LEU B 279 -4.68 12.76 -15.99
CA LEU B 279 -6.12 12.70 -15.85
C LEU B 279 -6.76 13.87 -16.58
N PRO B 280 -8.05 13.77 -16.91
CA PRO B 280 -8.74 14.93 -17.44
C PRO B 280 -8.80 16.06 -16.45
N ARG B 281 -8.88 17.29 -16.95
CA ARG B 281 -8.81 18.46 -16.13
C ARG B 281 -10.12 18.58 -15.42
N ASP B 282 -11.16 17.93 -15.93
CA ASP B 282 -12.45 18.16 -15.45
C ASP B 282 -13.21 16.89 -15.07
N PHE B 283 -12.48 15.80 -14.79
CA PHE B 283 -13.09 14.57 -14.39
C PHE B 283 -13.95 14.73 -13.14
N MET B 284 -13.63 15.66 -12.28
CA MET B 284 -14.36 15.89 -11.08
C MET B 284 -15.77 16.43 -11.36
N ASP B 285 -16.06 16.82 -12.59
CA ASP B 285 -17.40 17.23 -12.95
C ASP B 285 -18.39 16.10 -13.15
N TYR B 286 -17.90 14.87 -13.43
CA TYR B 286 -18.76 13.76 -13.76
C TYR B 286 -18.39 12.45 -13.04
N MET B 287 -17.37 12.47 -12.15
CA MET B 287 -16.99 11.31 -11.35
C MET B 287 -17.02 11.74 -9.92
N GLY B 288 -17.31 10.77 -9.07
CA GLY B 288 -17.65 11.04 -7.68
C GLY B 288 -19.05 10.52 -7.33
N ALA B 289 -19.24 10.18 -6.06
CA ALA B 289 -20.57 9.83 -5.48
C ALA B 289 -21.71 10.72 -5.99
N GLN B 290 -21.51 12.02 -5.86
CA GLN B 290 -22.49 13.01 -6.35
C GLN B 290 -22.89 12.91 -7.84
N HIS B 291 -22.10 12.20 -8.64
CA HIS B 291 -22.30 12.11 -10.09
C HIS B 291 -22.65 10.66 -10.51
N SER B 292 -22.96 9.84 -9.53
CA SER B 292 -23.23 8.41 -9.76
C SER B 292 -24.37 8.06 -10.76
N ASP B 293 -25.21 9.05 -11.10
CA ASP B 293 -26.29 8.89 -12.07
C ASP B 293 -26.13 9.79 -13.29
N SER B 294 -25.01 10.47 -13.42
CA SER B 294 -24.80 11.31 -14.58
C SER B 294 -24.94 10.49 -15.88
N LYS B 295 -25.42 11.16 -16.92
CA LYS B 295 -25.55 10.60 -18.27
C LYS B 295 -24.48 11.27 -19.14
N ASP B 296 -23.44 11.79 -18.51
CA ASP B 296 -22.36 12.32 -19.28
C ASP B 296 -21.64 11.08 -19.89
N PRO B 297 -21.62 10.95 -21.23
CA PRO B 297 -20.73 9.92 -21.82
C PRO B 297 -19.24 9.98 -21.43
N ARG B 298 -18.72 11.08 -20.90
CA ARG B 298 -17.31 11.07 -20.47
C ARG B 298 -17.17 10.15 -19.26
N ARG B 299 -18.26 10.01 -18.50
CA ARG B 299 -18.35 9.09 -17.41
C ARG B 299 -18.18 7.69 -17.87
N THR B 300 -18.99 7.30 -18.81
CA THR B 300 -18.87 5.99 -19.43
C THR B 300 -17.47 5.64 -19.87
N ALA B 301 -16.87 6.58 -20.55
CA ALA B 301 -15.51 6.42 -21.11
C ALA B 301 -14.47 6.39 -19.99
N PHE B 302 -14.60 7.26 -18.99
CA PHE B 302 -13.71 7.19 -17.86
C PHE B 302 -13.71 5.78 -17.27
N MET B 303 -14.91 5.19 -17.05
CA MET B 303 -14.96 3.82 -16.51
C MET B 303 -14.27 2.78 -17.39
N GLU B 304 -14.57 2.82 -18.67
CA GLU B 304 -14.01 1.90 -19.60
C GLU B 304 -12.52 1.99 -19.54
N LYS B 305 -12.00 3.20 -19.61
CA LYS B 305 -10.54 3.39 -19.54
C LYS B 305 -9.91 2.75 -18.29
N VAL B 306 -10.57 2.92 -17.15
CA VAL B 306 -10.09 2.31 -15.91
C VAL B 306 -9.94 0.77 -16.10
N ARG B 307 -10.97 0.17 -16.66
CA ARG B 307 -11.02 -1.27 -16.81
C ARG B 307 -10.03 -1.69 -17.81
N VAL B 308 -9.86 -0.93 -18.88
CA VAL B 308 -8.81 -1.30 -19.85
C VAL B 308 -7.44 -1.13 -19.28
N LEU B 309 -7.23 -0.13 -18.48
CA LEU B 309 -5.90 0.02 -17.93
C LEU B 309 -5.62 -1.06 -16.88
N VAL B 310 -6.63 -1.36 -16.09
CA VAL B 310 -6.48 -2.34 -15.07
C VAL B 310 -6.18 -3.73 -15.68
N ALA B 311 -7.01 -4.16 -16.60
CA ALA B 311 -6.71 -5.33 -17.43
C ALA B 311 -5.26 -5.44 -17.92
N ARG B 312 -4.75 -4.34 -18.41
CA ARG B 312 -3.38 -4.38 -18.93
C ARG B 312 -2.33 -4.56 -17.85
N LEU B 313 -2.68 -4.37 -16.57
CA LEU B 313 -1.70 -4.60 -15.52
C LEU B 313 -1.12 -6.01 -15.44
N GLY B 314 -1.92 -7.03 -15.78
CA GLY B 314 -1.47 -8.46 -15.86
C GLY B 314 -0.08 -8.61 -16.45
N HIS B 315 0.23 -7.77 -17.43
CA HIS B 315 1.47 -7.84 -18.18
C HIS B 315 2.63 -7.32 -17.38
N PHE B 316 2.37 -6.41 -16.48
CA PHE B 316 3.42 -5.87 -15.68
C PHE B 316 3.58 -6.52 -14.28
N ALA B 317 2.83 -7.56 -13.99
CA ALA B 317 2.86 -8.16 -12.69
C ALA B 317 4.12 -9.01 -12.46
N PRO B 318 4.94 -8.68 -11.46
CA PRO B 318 6.16 -9.43 -11.16
C PRO B 318 5.81 -10.65 -10.31
N VAL B 319 5.23 -11.62 -10.98
CA VAL B 319 4.75 -12.83 -10.33
C VAL B 319 5.87 -13.61 -9.60
N ASP B 320 7.03 -13.75 -10.23
CA ASP B 320 8.10 -14.56 -9.64
C ASP B 320 8.67 -13.82 -8.42
N ALA B 321 8.78 -12.51 -8.50
CA ALA B 321 9.27 -11.70 -7.39
C ALA B 321 8.35 -11.83 -6.19
N VAL B 322 7.05 -11.83 -6.42
CA VAL B 322 6.10 -11.92 -5.30
C VAL B 322 6.16 -13.39 -4.78
N ALA B 323 6.30 -14.35 -5.68
CA ALA B 323 6.42 -15.74 -5.23
C ALA B 323 7.59 -15.93 -4.26
N ASP B 324 8.72 -15.24 -4.51
CA ASP B 324 9.89 -15.31 -3.68
C ASP B 324 9.70 -14.59 -2.36
N GLN B 325 9.00 -13.44 -2.31
CA GLN B 325 8.65 -12.77 -1.06
C GLN B 325 7.74 -13.61 -0.18
N ARG B 326 6.79 -14.31 -0.77
CA ARG B 326 5.95 -15.23 0.05
C ARG B 326 6.78 -16.41 0.51
N ALA B 327 7.71 -16.85 -0.36
CA ALA B 327 8.59 -18.00 -0.01
C ALA B 327 9.39 -17.59 1.20
N LYS B 328 9.83 -16.34 1.19
CA LYS B 328 10.73 -15.85 2.21
C LYS B 328 9.95 -15.73 3.53
N ASP B 329 8.72 -15.21 3.44
CA ASP B 329 7.80 -15.15 4.60
C ASP B 329 7.54 -16.56 5.16
N PHE B 330 7.33 -17.52 4.28
CA PHE B 330 7.13 -18.87 4.68
C PHE B 330 8.39 -19.38 5.40
N ILE B 331 9.58 -19.04 4.89
CA ILE B 331 10.80 -19.46 5.52
C ILE B 331 10.84 -18.93 6.94
N HIS B 332 10.58 -17.63 7.09
CA HIS B 332 10.48 -17.04 8.42
C HIS B 332 9.43 -17.72 9.34
N ASP B 333 8.25 -18.06 8.83
CA ASP B 333 7.17 -18.63 9.67
C ASP B 333 7.45 -20.09 10.05
N SER B 334 8.33 -20.74 9.30
CA SER B 334 8.52 -22.17 9.41
C SER B 334 9.07 -22.61 10.78
N LEU B 335 8.60 -23.75 11.25
CA LEU B 335 9.30 -24.46 12.29
C LEU B 335 10.67 -24.97 11.76
N PRO B 336 11.67 -25.04 12.62
CA PRO B 336 12.95 -25.53 12.20
C PRO B 336 12.85 -27.05 11.98
N PRO B 337 13.77 -27.56 11.20
CA PRO B 337 13.58 -28.87 10.65
C PRO B 337 13.85 -29.95 11.67
N VAL B 338 13.27 -31.14 11.45
CA VAL B 338 13.58 -32.31 12.29
C VAL B 338 14.39 -33.26 11.45
N LEU B 339 15.62 -33.51 11.90
CA LEU B 339 16.63 -34.26 11.14
C LEU B 339 16.48 -35.75 11.32
N THR B 340 16.64 -36.47 10.24
CA THR B 340 16.66 -37.90 10.38
C THR B 340 18.01 -38.23 11.00
N ASP B 341 18.18 -39.46 11.43
CA ASP B 341 19.44 -39.89 12.03
C ASP B 341 20.52 -39.75 10.97
N ARG B 342 20.24 -40.18 9.74
CA ARG B 342 21.20 -40.05 8.65
C ARG B 342 21.60 -38.58 8.41
N GLU B 343 20.59 -37.70 8.39
CA GLU B 343 20.84 -36.27 8.15
C GLU B 343 21.72 -35.66 9.23
N ARG B 344 21.45 -36.02 10.47
CA ARG B 344 22.26 -35.60 11.57
C ARG B 344 23.65 -36.13 11.33
N ALA B 345 23.73 -37.41 11.04
CA ALA B 345 25.05 -38.05 10.96
C ALA B 345 25.89 -37.52 9.81
N LEU B 346 25.24 -36.94 8.78
CA LEU B 346 25.95 -36.50 7.61
C LEU B 346 26.17 -35.05 7.67
N SER B 347 25.78 -34.39 8.74
CA SER B 347 25.87 -32.93 8.74
C SER B 347 26.77 -32.34 9.83
N VAL B 348 26.84 -31.01 9.91
CA VAL B 348 27.60 -30.36 10.98
C VAL B 348 27.12 -30.80 12.39
N TYR B 349 25.82 -31.07 12.50
CA TYR B 349 25.24 -31.43 13.81
C TYR B 349 25.78 -32.75 14.37
N GLY B 350 26.23 -33.64 13.50
CA GLY B 350 26.64 -34.94 13.97
C GLY B 350 28.15 -35.11 14.05
N LEU B 351 28.90 -34.08 13.71
CA LEU B 351 30.36 -34.13 13.86
C LEU B 351 30.69 -34.67 15.25
N PRO B 352 31.69 -35.56 15.36
CA PRO B 352 31.91 -36.14 16.71
C PRO B 352 32.81 -35.24 17.63
N ILE B 353 33.26 -34.10 17.14
CA ILE B 353 34.01 -33.11 17.96
C ILE B 353 33.35 -32.76 19.31
N ARG B 354 34.06 -33.06 20.39
CA ARG B 354 33.59 -32.75 21.73
C ARG B 354 34.77 -32.56 22.70
N TRP B 355 34.44 -32.23 23.94
CA TRP B 355 35.41 -31.92 24.93
C TRP B 355 35.63 -33.16 25.72
N GLU B 356 36.86 -33.62 25.82
CA GLU B 356 37.07 -34.73 26.72
C GLU B 356 38.45 -34.69 27.36
N ALA B 357 38.43 -34.76 28.68
CA ALA B 357 39.63 -34.70 29.50
C ALA B 357 40.57 -33.56 29.10
N GLY B 358 40.09 -32.34 29.32
CA GLY B 358 40.90 -31.15 29.18
C GLY B 358 41.09 -30.53 27.83
N GLU B 359 40.39 -31.05 26.84
CA GLU B 359 40.57 -30.66 25.48
C GLU B 359 39.44 -31.08 24.51
N PRO B 360 39.38 -30.28 23.35
CA PRO B 360 38.47 -30.79 22.32
C PRO B 360 39.04 -31.94 21.51
N VAL B 361 38.28 -32.99 21.31
CA VAL B 361 38.74 -34.08 20.47
C VAL B 361 38.01 -33.94 19.13
N ASN B 362 38.56 -34.61 18.12
CA ASN B 362 38.13 -34.60 16.73
C ASN B 362 38.20 -33.32 15.89
N VAL B 363 39.08 -32.40 16.20
CA VAL B 363 39.12 -31.14 15.51
C VAL B 363 39.25 -31.32 14.05
N GLY B 364 38.84 -30.31 13.30
CA GLY B 364 39.26 -30.23 11.92
C GLY B 364 39.29 -30.92 10.59
N ALA B 365 38.20 -31.62 10.20
CA ALA B 365 38.15 -32.57 9.06
C ALA B 365 37.51 -31.57 8.09
N GLN B 366 38.12 -31.25 6.97
CA GLN B 366 37.61 -30.23 6.10
C GLN B 366 36.98 -30.77 4.83
N LEU B 367 36.11 -29.96 4.24
CA LEU B 367 35.53 -30.17 2.89
C LEU B 367 36.61 -30.02 1.85
N THR B 368 36.55 -30.79 0.78
CA THR B 368 37.50 -30.70 -0.31
C THR B 368 36.67 -30.70 -1.59
N THR B 369 37.34 -30.63 -2.72
CA THR B 369 36.70 -30.70 -4.03
C THR B 369 36.07 -32.08 -4.35
N GLU B 370 36.46 -33.08 -3.58
CA GLU B 370 36.02 -34.48 -3.75
C GLU B 370 34.79 -34.82 -2.90
N THR B 371 34.49 -33.93 -1.98
CA THR B 371 33.36 -34.10 -1.09
C THR B 371 32.15 -33.97 -1.92
N GLU B 372 31.21 -34.87 -1.67
CA GLU B 372 30.01 -34.88 -2.40
C GLU B 372 29.01 -34.36 -1.38
N VAL B 373 28.14 -33.48 -1.86
CA VAL B 373 27.17 -32.75 -1.04
C VAL B 373 25.76 -32.67 -1.61
N HIS B 374 24.79 -32.39 -0.74
CA HIS B 374 23.48 -31.88 -1.19
C HIS B 374 22.79 -31.18 -0.08
N MET B 375 21.73 -30.43 -0.36
CA MET B 375 21.12 -29.64 0.73
C MET B 375 20.63 -30.55 1.84
N LEU B 376 20.74 -30.11 3.10
CA LEU B 376 20.35 -30.89 4.25
C LEU B 376 18.96 -31.46 4.10
N GLN B 377 18.01 -30.60 3.75
CA GLN B 377 16.62 -31.01 3.45
C GLN B 377 16.16 -30.10 2.33
N ASP B 378 14.96 -30.34 1.81
CA ASP B 378 14.41 -29.67 0.67
C ASP B 378 13.61 -28.41 0.95
N GLY B 379 13.18 -28.22 2.19
CA GLY B 379 12.26 -27.17 2.61
C GLY B 379 12.83 -26.25 3.69
N ILE B 380 14.13 -25.99 3.64
CA ILE B 380 14.82 -25.15 4.62
C ILE B 380 15.42 -23.90 4.08
N ALA B 381 15.36 -23.71 2.79
CA ALA B 381 16.05 -22.59 2.20
C ALA B 381 15.44 -22.12 0.92
N ARG B 382 15.53 -20.79 0.75
CA ARG B 382 15.09 -20.04 -0.43
C ARG B 382 16.06 -18.91 -0.80
N LEU B 383 16.44 -18.84 -2.06
CA LEU B 383 17.34 -17.79 -2.59
C LEU B 383 16.47 -16.65 -3.15
N VAL B 384 16.68 -15.43 -2.68
CA VAL B 384 15.76 -14.35 -3.00
C VAL B 384 16.64 -13.17 -3.40
N GLY B 385 16.34 -12.53 -4.52
CA GLY B 385 17.03 -11.28 -4.92
C GLY B 385 16.31 -10.04 -4.39
N GLU B 386 17.00 -9.19 -3.65
CA GLU B 386 16.47 -7.94 -3.06
C GLU B 386 17.57 -6.85 -3.16
N GLY B 387 17.17 -5.61 -3.50
CA GLY B 387 18.10 -4.48 -3.71
C GLY B 387 19.27 -4.79 -4.65
N GLY B 388 19.05 -5.62 -5.67
CA GLY B 388 20.13 -6.12 -6.54
C GLY B 388 21.22 -6.84 -5.77
N HIS B 389 20.84 -7.51 -4.68
CA HIS B 389 21.69 -8.43 -3.91
C HIS B 389 21.00 -9.79 -3.82
N LEU B 390 21.69 -10.75 -3.26
CA LEU B 390 21.25 -12.07 -3.35
C LEU B 390 21.28 -12.65 -1.98
N PHE B 391 20.17 -13.22 -1.52
CA PHE B 391 20.10 -13.61 -0.10
C PHE B 391 19.45 -14.93 0.06
N LEU B 392 20.12 -15.78 0.80
CA LEU B 392 19.67 -17.15 1.04
C LEU B 392 19.01 -17.17 2.42
N TYR B 393 17.69 -17.26 2.45
CA TYR B 393 16.93 -17.31 3.73
C TYR B 393 16.75 -18.76 4.19
N TYR B 394 16.88 -19.02 5.49
CA TYR B 394 16.84 -20.37 5.97
C TYR B 394 16.12 -20.54 7.29
N THR B 395 15.75 -21.79 7.53
CA THR B 395 14.86 -22.11 8.65
C THR B 395 15.59 -22.75 9.80
N VAL B 396 16.86 -23.13 9.58
CA VAL B 396 17.56 -24.06 10.51
C VAL B 396 17.85 -23.44 11.84
N GLU B 397 17.76 -22.10 11.95
CA GLU B 397 17.91 -21.45 13.25
C GLU B 397 16.59 -20.87 13.73
N ASN B 398 15.46 -21.23 13.13
CA ASN B 398 14.19 -20.73 13.66
C ASN B 398 13.82 -21.29 15.01
N SER B 399 13.04 -20.52 15.75
CA SER B 399 12.56 -21.02 17.01
C SER B 399 11.30 -21.85 16.75
N ARG B 400 10.95 -22.65 17.77
CA ARG B 400 9.72 -23.41 17.77
C ARG B 400 8.56 -22.50 18.07
N VAL B 401 8.87 -21.30 18.53
CA VAL B 401 7.87 -20.23 18.74
C VAL B 401 7.87 -19.27 17.55
N TYR B 402 6.67 -19.05 17.01
CA TYR B 402 6.43 -18.24 15.82
C TYR B 402 7.09 -16.86 15.91
N HIS B 403 8.04 -16.60 15.03
CA HIS B 403 8.65 -15.29 14.94
C HIS B 403 9.38 -14.84 16.20
N LEU B 404 9.74 -15.76 17.08
CA LEU B 404 10.57 -15.38 18.21
C LEU B 404 11.93 -14.88 17.74
N GLU B 405 12.48 -15.45 16.67
CA GLU B 405 13.71 -14.95 16.07
C GLU B 405 13.33 -14.19 14.80
N GLU B 406 14.12 -13.18 14.45
CA GLU B 406 13.95 -12.44 13.19
C GLU B 406 14.41 -13.30 12.02
N PRO B 407 14.09 -12.87 10.78
CA PRO B 407 14.37 -13.70 9.63
C PRO B 407 15.87 -13.93 9.48
N LYS B 408 16.27 -15.13 9.15
CA LYS B 408 17.68 -15.42 9.09
C LYS B 408 18.10 -15.62 7.66
N CYS B 409 19.24 -15.08 7.30
CA CYS B 409 19.69 -15.11 5.94
C CYS B 409 21.17 -14.95 5.86
N LEU B 410 21.69 -15.31 4.71
CA LEU B 410 23.05 -14.98 4.37
C LEU B 410 23.13 -14.52 2.93
N GLU B 411 24.07 -13.62 2.66
CA GLU B 411 24.37 -13.18 1.29
C GLU B 411 25.16 -14.25 0.52
N ILE B 412 24.77 -14.44 -0.72
CA ILE B 412 25.39 -15.29 -1.75
C ILE B 412 25.93 -14.32 -2.81
N TYR B 413 27.24 -14.29 -2.98
CA TYR B 413 27.84 -13.40 -4.00
C TYR B 413 27.49 -13.91 -5.38
N PRO B 414 27.29 -13.02 -6.38
CA PRO B 414 27.00 -13.37 -7.77
C PRO B 414 27.84 -14.52 -8.32
N GLN B 415 29.12 -14.60 -7.95
CA GLN B 415 30.00 -15.66 -8.40
C GLN B 415 29.54 -17.03 -7.93
N GLN B 416 28.76 -17.01 -6.86
CA GLN B 416 28.34 -18.19 -6.18
C GLN B 416 26.90 -18.48 -6.41
N ALA B 417 26.24 -17.73 -7.26
CA ALA B 417 24.75 -17.79 -7.29
C ALA B 417 24.27 -18.98 -8.02
N ASP B 418 25.00 -19.29 -9.08
CA ASP B 418 24.66 -20.37 -9.96
C ASP B 418 24.82 -21.69 -9.22
N ALA B 419 25.82 -21.73 -8.37
CA ALA B 419 26.14 -22.99 -7.72
C ALA B 419 25.10 -23.35 -6.66
N MET B 420 24.58 -22.30 -6.02
CA MET B 420 23.56 -22.33 -5.01
C MET B 420 22.21 -22.70 -5.61
N GLU B 421 21.94 -22.21 -6.83
CA GLU B 421 20.67 -22.51 -7.52
C GLU B 421 20.61 -23.99 -7.86
N LEU B 422 21.70 -24.47 -8.48
CA LEU B 422 21.92 -25.89 -8.71
C LEU B 422 21.59 -26.70 -7.45
N LEU B 423 22.24 -26.31 -6.33
CA LEU B 423 22.11 -27.08 -5.09
C LEU B 423 20.67 -27.20 -4.66
N LEU B 424 19.97 -26.07 -4.66
CA LEU B 424 18.62 -26.08 -4.26
C LEU B 424 17.75 -26.84 -5.25
N GLY B 425 18.02 -26.74 -6.55
CA GLY B 425 17.15 -27.36 -7.58
C GLY B 425 17.39 -28.87 -7.80
N SER B 426 18.53 -29.39 -7.31
CA SER B 426 18.82 -30.83 -7.52
C SER B 426 18.77 -31.73 -6.27
N TYR B 427 18.24 -31.24 -5.15
CA TYR B 427 18.06 -32.12 -3.98
C TYR B 427 17.19 -33.30 -4.37
N PRO B 428 17.53 -34.48 -3.92
CA PRO B 428 18.66 -34.90 -3.07
C PRO B 428 19.70 -35.63 -3.85
N GLU B 429 20.21 -35.02 -4.90
CA GLU B 429 21.30 -35.62 -5.68
C GLU B 429 22.67 -35.06 -5.23
N PHE B 430 23.62 -35.94 -4.93
CA PHE B 430 24.98 -35.51 -4.53
C PHE B 430 25.76 -34.89 -5.67
N VAL B 431 26.50 -33.83 -5.37
CA VAL B 431 27.35 -33.16 -6.30
C VAL B 431 28.73 -33.00 -5.65
N ARG B 432 29.74 -33.43 -6.39
CA ARG B 432 31.12 -33.10 -6.05
C ARG B 432 31.24 -31.58 -5.90
N VAL B 433 31.82 -31.09 -4.81
CA VAL B 433 32.09 -29.63 -4.67
C VAL B 433 32.85 -29.12 -5.90
N GLY B 434 33.83 -29.91 -6.36
CA GLY B 434 34.62 -29.55 -7.52
C GLY B 434 33.83 -29.43 -8.80
N ASP B 435 32.58 -29.88 -8.87
CA ASP B 435 31.79 -29.77 -10.11
C ASP B 435 30.68 -28.69 -10.01
N LEU B 436 30.66 -27.98 -8.89
CA LEU B 436 29.75 -26.87 -8.72
C LEU B 436 30.10 -25.67 -9.63
N PRO B 437 29.12 -25.05 -10.27
CA PRO B 437 29.45 -23.99 -11.27
C PRO B 437 30.00 -22.66 -10.71
N CYS B 438 31.26 -22.65 -10.37
CA CYS B 438 31.91 -21.44 -9.96
C CYS B 438 33.15 -21.33 -10.83
N ASP B 439 33.81 -20.20 -10.82
CA ASP B 439 34.97 -20.04 -11.69
C ASP B 439 36.06 -20.77 -11.01
N SER B 440 36.29 -20.42 -9.76
CA SER B 440 37.40 -20.99 -9.01
C SER B 440 37.10 -22.22 -8.11
N VAL B 441 38.17 -22.64 -7.46
CA VAL B 441 38.20 -23.65 -6.46
C VAL B 441 37.99 -22.99 -5.09
N GLU B 442 38.43 -21.75 -4.98
CA GLU B 442 38.09 -20.87 -3.86
C GLU B 442 36.58 -20.76 -3.63
N ASP B 443 35.85 -20.25 -4.62
CA ASP B 443 34.37 -20.09 -4.55
C ASP B 443 33.58 -21.40 -4.33
N GLN B 444 33.96 -22.45 -5.06
CA GLN B 444 33.42 -23.78 -4.76
C GLN B 444 33.53 -24.09 -3.26
N LEU B 445 34.75 -24.04 -2.77
CA LEU B 445 35.07 -24.40 -1.42
C LEU B 445 34.41 -23.50 -0.42
N SER B 446 34.30 -22.19 -0.68
CA SER B 446 33.71 -21.31 0.33
C SER B 446 32.20 -21.42 0.38
N LEU B 447 31.53 -21.63 -0.76
CA LEU B 447 30.08 -21.78 -0.70
C LEU B 447 29.78 -23.03 0.13
N ALA B 448 30.38 -24.14 -0.31
CA ALA B 448 30.08 -25.42 0.28
C ALA B 448 30.36 -25.37 1.76
N THR B 449 31.41 -24.67 2.14
CA THR B 449 31.82 -24.69 3.51
C THR B 449 30.91 -23.79 4.35
N THR B 450 30.55 -22.64 3.78
CA THR B 450 29.64 -21.75 4.45
C THR B 450 28.29 -22.48 4.60
N LEU B 451 27.84 -23.21 3.58
CA LEU B 451 26.55 -23.88 3.69
C LEU B 451 26.61 -24.98 4.75
N TYR B 452 27.72 -25.70 4.76
CA TYR B 452 27.92 -26.82 5.68
C TYR B 452 27.88 -26.34 7.15
N ASP B 453 28.64 -25.30 7.46
CA ASP B 453 28.85 -24.84 8.86
C ASP B 453 27.54 -24.25 9.45
N LYS B 454 26.68 -23.79 8.56
CA LYS B 454 25.41 -23.22 8.91
C LYS B 454 24.42 -24.32 9.14
N GLY B 455 24.78 -25.54 8.82
CA GLY B 455 23.78 -26.64 8.96
C GLY B 455 22.81 -26.70 7.79
N LEU B 456 23.25 -26.26 6.60
CA LEU B 456 22.42 -26.28 5.39
C LEU B 456 22.73 -27.37 4.40
N LEU B 457 23.81 -28.09 4.64
CA LEU B 457 24.37 -28.99 3.65
C LEU B 457 24.70 -30.30 4.34
N LEU B 458 24.56 -31.42 3.67
CA LEU B 458 25.23 -32.63 4.12
C LEU B 458 26.29 -33.18 3.16
N THR B 459 27.09 -34.12 3.69
CA THR B 459 28.17 -34.78 2.97
C THR B 459 27.77 -36.25 2.74
N LYS B 460 28.15 -36.85 1.61
CA LYS B 460 27.78 -38.30 1.35
C LYS B 460 28.36 -39.24 2.43
N MET B 461 29.53 -38.90 2.93
CA MET B 461 30.11 -39.52 4.12
C MET B 461 30.47 -38.47 5.17
N PRO B 462 30.47 -38.88 6.45
CA PRO B 462 30.80 -37.90 7.50
C PRO B 462 32.17 -37.33 7.24
N LEU B 463 32.39 -36.06 7.53
CA LEU B 463 33.69 -35.48 7.35
C LEU B 463 34.63 -35.96 8.45
N ALA B 464 34.07 -36.31 9.58
CA ALA B 464 34.92 -36.66 10.70
C ALA B 464 34.36 -37.86 11.35
N LEU B 465 35.29 -38.76 11.69
CA LEU B 465 34.99 -40.03 12.31
C LEU B 465 35.51 -40.03 13.76
N ASN B 466 34.81 -40.78 14.62
CA ASN B 466 35.13 -40.92 16.05
C ASN B 466 36.62 -41.09 16.33
N GLY C 1 25.32 20.85 -5.52
CA GLY C 1 24.32 21.09 -6.61
C GLY C 1 23.04 21.79 -6.16
N GLY C 2 21.89 21.18 -6.47
CA GLY C 2 20.61 21.60 -5.94
C GLY C 2 19.42 21.40 -6.86
N GLY C 3 18.28 21.93 -6.40
CA GLY C 3 16.95 21.65 -6.94
C GLY C 3 16.38 22.67 -7.92
N ASN C 4 15.52 22.21 -8.81
CA ASN C 4 14.94 23.06 -9.81
C ASN C 4 13.46 23.29 -9.43
N HIS C 5 12.60 23.68 -10.39
CA HIS C 5 11.24 24.07 -10.09
C HIS C 5 10.58 23.40 -8.90
N GLN C 6 10.08 24.21 -7.96
CA GLN C 6 9.43 23.70 -6.73
C GLN C 6 7.97 24.10 -6.80
N HIS C 7 7.23 23.30 -7.55
CA HIS C 7 5.77 23.49 -7.75
C HIS C 7 4.93 23.80 -6.48
N ILE C 8 5.32 23.13 -5.39
CA ILE C 8 4.64 23.15 -4.12
C ILE C 8 4.84 24.48 -3.35
N GLY C 9 5.93 25.17 -3.64
CA GLY C 9 6.22 26.49 -3.07
C GLY C 9 7.04 26.40 -1.79
N LYS C 10 7.84 25.35 -1.69
CA LYS C 10 8.27 24.81 -0.43
C LYS C 10 9.50 23.96 -0.70
N PRO C 11 10.37 23.82 0.31
CA PRO C 11 11.40 22.77 0.36
C PRO C 11 11.13 21.72 1.45
N GLY D 1 -15.77 -12.64 26.94
CA GLY D 1 -14.88 -13.80 26.53
C GLY D 1 -14.65 -13.72 25.03
N GLY D 2 -13.56 -14.30 24.55
CA GLY D 2 -13.09 -13.97 23.21
C GLY D 2 -12.73 -15.06 22.20
N GLY D 3 -11.42 -15.31 22.09
CA GLY D 3 -10.80 -15.87 20.87
C GLY D 3 -10.82 -17.37 20.68
N ASN D 4 -10.83 -17.80 19.42
CA ASN D 4 -10.93 -19.20 19.10
C ASN D 4 -9.59 -19.54 18.45
N HIS D 5 -9.50 -20.61 17.68
CA HIS D 5 -8.22 -21.09 17.25
C HIS D 5 -7.16 -20.06 16.97
N GLN D 6 -6.04 -20.16 17.68
CA GLN D 6 -4.93 -19.24 17.43
C GLN D 6 -3.85 -20.02 16.68
N HIS D 7 -3.99 -20.10 15.37
CA HIS D 7 -3.02 -20.76 14.47
C HIS D 7 -1.50 -20.46 14.72
N ILE D 8 -1.19 -19.19 15.00
CA ILE D 8 0.22 -18.78 15.14
C ILE D 8 0.82 -19.13 16.51
N GLY D 9 -0.01 -19.51 17.47
CA GLY D 9 0.51 -19.99 18.76
C GLY D 9 0.82 -18.91 19.77
N LYS D 10 0.27 -17.72 19.50
CA LYS D 10 0.37 -16.53 20.34
C LYS D 10 -1.05 -16.01 20.47
N PRO D 11 -1.29 -15.12 21.46
CA PRO D 11 -2.54 -14.35 21.46
C PRO D 11 -2.59 -13.29 20.31
#